data_8DT7
#
_entry.id   8DT7
#
_cell.length_a   124.652
_cell.length_b   124.652
_cell.length_c   130.085
_cell.angle_alpha   90.00
_cell.angle_beta   90.00
_cell.angle_gamma   120.00
#
_symmetry.space_group_name_H-M   'P 31'
#
loop_
_entity.id
_entity.type
_entity.pdbx_description
1 polymer Acetylcholinesterase
2 non-polymer "1,1'-methylenebis{4-[(E)-(hydroxyimino)methyl]pyridin-1-ium}"
3 non-polymer 'NITRATE ION'
4 non-polymer GLYCEROL
5 water water
#
_entity_poly.entity_id   1
_entity_poly.type   'polypeptide(L)'
_entity_poly.pdbx_seq_one_letter_code
;GPLEGREDAELLVTVRGGRLRGIRLKTPGGPVSAFLGIPFAEPPMGPRRFLPPEPKQPWSGVVDATTFQSVCYQYVDTLY
PGFEGTEMWNPNRELSEDCLYLNVWTPYPRPTSPTPVLVWIYGGGFYSGASSLDVYDGRFLVQAERTVLVSMNYRVGAFG
FLALPGSREAPGNVGLLDQRLALQWVQENVAAFGGDPTSVTLFGESAGAASVGMHLLSPPSRGLFHRAVLQSGAPNGPWA
TVGMGEARRRATQLAHLVGCPPGGTGGNDTELVACLRTRPAQVLVNHEWHVLPQESVFRFSFVPVVDGDFLSDTPEALIN
AGDFHGLQVLVGVVKDEGSYFLVYGAPGFSKDNESLISRAEFLAGVRVGVPQVSDLAAEAVVLHYTDWLHPEDPARLREA
LSDVVGDHNVVCPVAQLAGRLAAQGARVYAYVFEHRASTLSWPLWMGVPHGYEIEFIFGIPLDPSRNYTAEEKIFAQRLM
RYWANFARTGDPNEPRDPKAPQWPPYTAGAQQYVSLDLRPLEVRRGLRAQACAFWNRFLPKLLSATDTLD
;
_entity_poly.pdbx_strand_id   A,B
#
# COMPACT_ATOMS: atom_id res chain seq x y z
N GLU A 7 10.68 -7.35 -43.78
CA GLU A 7 9.95 -8.11 -42.78
C GLU A 7 10.12 -9.61 -43.01
N ASP A 8 10.43 -10.34 -41.94
CA ASP A 8 10.42 -11.79 -42.02
C ASP A 8 8.99 -12.28 -42.23
N ALA A 9 8.82 -13.22 -43.17
CA ALA A 9 7.49 -13.65 -43.55
C ALA A 9 6.76 -14.37 -42.42
N GLU A 10 7.49 -14.99 -41.50
CA GLU A 10 6.87 -15.77 -40.45
C GLU A 10 6.32 -14.91 -39.31
N LEU A 11 6.57 -13.60 -39.34
CA LEU A 11 5.98 -12.68 -38.37
C LEU A 11 4.64 -12.13 -38.83
N LEU A 12 4.13 -12.59 -39.97
CA LEU A 12 2.84 -12.17 -40.50
C LEU A 12 1.92 -13.39 -40.53
N VAL A 13 0.81 -13.30 -39.79
CA VAL A 13 -0.14 -14.41 -39.65
C VAL A 13 -1.55 -13.85 -39.74
N THR A 14 -2.44 -14.59 -40.39
CA THR A 14 -3.84 -14.24 -40.51
C THR A 14 -4.68 -15.21 -39.68
N VAL A 15 -5.57 -14.66 -38.85
CA VAL A 15 -6.52 -15.47 -38.09
C VAL A 15 -7.92 -15.10 -38.55
N ARG A 16 -8.94 -15.73 -37.95
CA ARG A 16 -10.32 -15.52 -38.40
C ARG A 16 -10.77 -14.07 -38.21
N GLY A 17 -10.15 -13.33 -37.30
CA GLY A 17 -10.54 -11.95 -37.06
C GLY A 17 -9.82 -10.96 -37.96
N GLY A 18 -8.64 -11.32 -38.44
CA GLY A 18 -7.87 -10.43 -39.28
C GLY A 18 -6.41 -10.81 -39.26
N ARG A 19 -5.57 -9.86 -39.66
CA ARG A 19 -4.14 -10.07 -39.80
C ARG A 19 -3.39 -9.52 -38.58
N LEU A 20 -2.22 -10.11 -38.32
CA LEU A 20 -1.39 -9.75 -37.19
C LEU A 20 0.06 -9.66 -37.63
N ARG A 21 0.82 -8.82 -36.94
CA ARG A 21 2.27 -8.78 -37.07
C ARG A 21 2.88 -9.13 -35.72
N GLY A 22 3.73 -10.15 -35.70
CA GLY A 22 4.40 -10.59 -34.50
C GLY A 22 5.79 -10.00 -34.37
N ILE A 23 6.53 -10.53 -33.40
CA ILE A 23 7.89 -10.09 -33.10
C ILE A 23 8.76 -11.31 -32.85
N ARG A 24 10.03 -11.20 -33.26
CA ARG A 24 10.99 -12.28 -33.04
C ARG A 24 11.73 -12.05 -31.72
N LEU A 25 11.72 -13.05 -30.87
CA LEU A 25 12.39 -13.00 -29.57
C LEU A 25 13.66 -13.85 -29.62
N LYS A 26 14.70 -13.37 -28.95
CA LYS A 26 15.99 -14.05 -28.93
C LYS A 26 16.13 -14.90 -27.67
N THR A 27 16.71 -16.08 -27.84
CA THR A 27 17.13 -16.96 -26.76
C THR A 27 18.56 -17.40 -27.06
N PRO A 28 19.29 -17.86 -26.04
CA PRO A 28 20.65 -18.37 -26.31
C PRO A 28 20.68 -19.55 -27.26
N GLY A 29 19.55 -20.22 -27.49
CA GLY A 29 19.54 -21.38 -28.36
C GLY A 29 18.95 -21.11 -29.74
N GLY A 30 18.37 -19.93 -29.92
CA GLY A 30 17.79 -19.57 -31.20
C GLY A 30 16.58 -18.68 -31.04
N PRO A 31 16.10 -18.12 -32.15
CA PRO A 31 14.95 -17.22 -32.10
C PRO A 31 13.62 -17.99 -32.01
N VAL A 32 12.61 -17.27 -31.54
CA VAL A 32 11.22 -17.74 -31.58
C VAL A 32 10.35 -16.60 -32.08
N SER A 33 9.19 -16.96 -32.61
CA SER A 33 8.21 -15.99 -33.09
C SER A 33 7.12 -15.83 -32.04
N ALA A 34 6.81 -14.59 -31.69
CA ALA A 34 5.85 -14.28 -30.64
C ALA A 34 4.78 -13.33 -31.18
N PHE A 35 3.54 -13.54 -30.76
CA PHE A 35 2.41 -12.71 -31.14
C PHE A 35 1.71 -12.29 -29.86
N LEU A 36 2.03 -11.10 -29.38
CA LEU A 36 1.65 -10.64 -28.05
C LEU A 36 0.53 -9.60 -28.15
N GLY A 37 -0.55 -9.83 -27.42
CA GLY A 37 -1.63 -8.86 -27.37
C GLY A 37 -2.71 -9.07 -28.41
N ILE A 38 -3.02 -10.31 -28.76
CA ILE A 38 -4.08 -10.61 -29.73
C ILE A 38 -5.43 -10.44 -29.04
N PRO A 39 -6.30 -9.56 -29.53
CA PRO A 39 -7.63 -9.44 -28.92
C PRO A 39 -8.49 -10.66 -29.24
N PHE A 40 -9.03 -11.29 -28.19
CA PHE A 40 -9.93 -12.42 -28.36
C PHE A 40 -11.35 -12.11 -27.89
N ALA A 41 -11.59 -10.93 -27.32
CA ALA A 41 -12.92 -10.55 -26.87
C ALA A 41 -13.11 -9.06 -27.06
N GLU A 42 -14.38 -8.65 -27.13
CA GLU A 42 -14.68 -7.23 -27.08
C GLU A 42 -14.35 -6.67 -25.71
N PRO A 43 -13.87 -5.44 -25.62
CA PRO A 43 -13.52 -4.85 -24.32
C PRO A 43 -14.70 -4.86 -23.37
N PRO A 44 -14.59 -5.58 -22.20
CA PRO A 44 -15.69 -5.64 -21.23
C PRO A 44 -15.83 -4.37 -20.40
N MET A 45 -16.12 -3.27 -21.08
CA MET A 45 -16.20 -1.96 -20.46
C MET A 45 -17.63 -1.43 -20.51
N GLY A 46 -17.88 -0.39 -19.70
CA GLY A 46 -19.16 0.25 -19.66
C GLY A 46 -20.28 -0.68 -19.23
N PRO A 47 -21.31 -0.80 -20.07
CA PRO A 47 -22.40 -1.73 -19.76
C PRO A 47 -21.99 -3.20 -19.80
N ARG A 48 -20.82 -3.50 -20.36
CA ARG A 48 -20.33 -4.87 -20.41
C ARG A 48 -19.61 -5.30 -19.14
N ARG A 49 -19.39 -4.39 -18.20
CA ARG A 49 -18.77 -4.77 -16.93
C ARG A 49 -19.66 -5.77 -16.21
N PHE A 50 -19.03 -6.83 -15.69
CA PHE A 50 -19.62 -7.96 -14.96
C PHE A 50 -20.34 -8.93 -15.88
N LEU A 51 -20.36 -8.70 -17.20
CA LEU A 51 -21.05 -9.57 -18.13
C LEU A 51 -20.10 -10.57 -18.76
N PRO A 52 -20.62 -11.69 -19.26
CA PRO A 52 -19.75 -12.66 -19.93
C PRO A 52 -19.11 -12.04 -21.15
N PRO A 53 -17.96 -12.56 -21.57
CA PRO A 53 -17.26 -11.96 -22.71
C PRO A 53 -17.96 -12.24 -24.02
N GLU A 54 -17.81 -11.31 -24.96
CA GLU A 54 -18.29 -11.44 -26.31
C GLU A 54 -17.10 -11.61 -27.25
N PRO A 55 -17.22 -12.44 -28.29
CA PRO A 55 -16.09 -12.66 -29.20
C PRO A 55 -15.67 -11.37 -29.90
N LYS A 56 -14.38 -11.25 -30.15
CA LYS A 56 -13.83 -10.07 -30.81
C LYS A 56 -14.30 -10.02 -32.26
N GLN A 57 -14.91 -8.90 -32.64
CA GLN A 57 -15.35 -8.73 -34.01
C GLN A 57 -14.15 -8.63 -34.95
N PRO A 58 -14.30 -9.08 -36.19
CA PRO A 58 -13.17 -8.99 -37.14
C PRO A 58 -12.74 -7.56 -37.36
N TRP A 59 -11.46 -7.38 -37.65
CA TRP A 59 -10.86 -6.06 -37.78
C TRP A 59 -10.21 -5.90 -39.16
N SER A 60 -10.08 -4.64 -39.57
CA SER A 60 -9.40 -4.31 -40.81
C SER A 60 -7.94 -3.97 -40.53
N GLY A 61 -7.10 -4.20 -41.55
CA GLY A 61 -5.69 -3.88 -41.42
C GLY A 61 -4.93 -4.93 -40.63
N VAL A 62 -3.75 -4.54 -40.16
CA VAL A 62 -2.84 -5.42 -39.44
C VAL A 62 -2.78 -4.95 -37.99
N VAL A 63 -3.29 -5.77 -37.08
CA VAL A 63 -3.16 -5.49 -35.65
C VAL A 63 -1.72 -5.75 -35.23
N ASP A 64 -1.13 -4.79 -34.52
CA ASP A 64 0.22 -4.95 -34.03
C ASP A 64 0.24 -5.90 -32.84
N ALA A 65 0.99 -7.00 -32.96
CA ALA A 65 1.10 -7.95 -31.88
C ALA A 65 2.56 -8.10 -31.45
N THR A 66 3.23 -6.98 -31.20
CA THR A 66 4.64 -6.97 -30.85
C THR A 66 4.91 -6.71 -29.38
N THR A 67 3.88 -6.39 -28.58
CA THR A 67 4.07 -6.15 -27.17
C THR A 67 2.82 -6.59 -26.41
N PHE A 68 3.02 -6.86 -25.12
CA PHE A 68 1.90 -7.24 -24.27
C PHE A 68 0.91 -6.09 -24.12
N GLN A 69 -0.37 -6.44 -23.97
CA GLN A 69 -1.42 -5.44 -23.81
C GLN A 69 -1.60 -5.13 -22.33
N SER A 70 -2.69 -4.45 -22.00
CA SER A 70 -2.90 -3.94 -20.65
C SER A 70 -3.25 -5.07 -19.69
N VAL A 71 -2.93 -4.83 -18.42
CA VAL A 71 -3.27 -5.74 -17.33
C VAL A 71 -4.68 -5.42 -16.84
N CYS A 72 -5.46 -6.45 -16.55
CA CYS A 72 -6.79 -6.23 -15.99
C CYS A 72 -6.69 -5.55 -14.63
N TYR A 73 -7.67 -4.69 -14.35
CA TYR A 73 -7.67 -3.93 -13.10
C TYR A 73 -7.60 -4.87 -11.90
N GLN A 74 -6.67 -4.58 -10.99
CA GLN A 74 -6.43 -5.48 -9.87
C GLN A 74 -5.70 -4.73 -8.77
N TYR A 75 -5.77 -5.30 -7.56
CA TYR A 75 -5.02 -4.76 -6.43
C TYR A 75 -3.52 -4.94 -6.66
N VAL A 76 -2.75 -3.96 -6.24
CA VAL A 76 -1.29 -3.96 -6.37
C VAL A 76 -0.69 -4.15 -4.99
N ASP A 77 0.18 -5.14 -4.85
CA ASP A 77 0.80 -5.45 -3.56
C ASP A 77 1.80 -4.36 -3.20
N THR A 78 1.54 -3.65 -2.10
CA THR A 78 2.47 -2.65 -1.58
C THR A 78 2.99 -3.03 -0.19
N LEU A 79 2.94 -4.32 0.14
CA LEU A 79 3.40 -4.77 1.45
C LEU A 79 4.90 -4.50 1.62
N TYR A 80 5.67 -4.67 0.55
CA TYR A 80 7.12 -4.48 0.59
C TYR A 80 7.56 -3.70 -0.64
N PRO A 81 7.49 -2.37 -0.58
CA PRO A 81 7.90 -1.57 -1.76
C PRO A 81 9.34 -1.85 -2.16
N GLY A 82 9.54 -2.01 -3.47
CA GLY A 82 10.85 -2.27 -4.02
C GLY A 82 11.35 -3.69 -3.87
N PHE A 83 10.59 -4.57 -3.23
CA PHE A 83 11.04 -5.93 -2.97
C PHE A 83 10.78 -6.81 -4.18
N GLU A 84 11.82 -7.51 -4.63
CA GLU A 84 11.71 -8.37 -5.80
C GLU A 84 10.70 -9.50 -5.58
N GLY A 85 10.65 -10.03 -4.36
CA GLY A 85 9.81 -11.19 -4.09
C GLY A 85 8.33 -10.93 -4.29
N THR A 86 7.88 -9.70 -4.05
CA THR A 86 6.47 -9.34 -4.23
C THR A 86 6.20 -8.64 -5.56
N GLU A 87 7.10 -7.76 -6.00
CA GLU A 87 6.84 -6.97 -7.20
C GLU A 87 6.94 -7.79 -8.48
N MET A 88 7.54 -8.98 -8.43
CA MET A 88 7.56 -9.84 -9.60
C MET A 88 6.18 -10.32 -10.00
N TRP A 89 5.21 -10.24 -9.08
CA TRP A 89 3.83 -10.61 -9.37
C TRP A 89 2.94 -9.42 -9.64
N ASN A 90 3.41 -8.20 -9.38
CA ASN A 90 2.62 -7.00 -9.61
C ASN A 90 2.52 -6.70 -11.10
N PRO A 91 1.51 -5.94 -11.51
CA PRO A 91 1.35 -5.62 -12.93
C PRO A 91 2.56 -4.89 -13.50
N ASN A 92 3.03 -5.34 -14.65
CA ASN A 92 4.12 -4.71 -15.39
C ASN A 92 3.62 -3.95 -16.62
N ARG A 93 2.31 -3.84 -16.79
CA ARG A 93 1.71 -2.99 -17.80
C ARG A 93 0.62 -2.15 -17.13
N GLU A 94 0.14 -1.15 -17.87
CA GLU A 94 -0.87 -0.25 -17.35
C GLU A 94 -2.19 -0.98 -17.13
N LEU A 95 -2.89 -0.62 -16.05
CA LEU A 95 -4.17 -1.23 -15.74
C LEU A 95 -5.28 -0.68 -16.63
N SER A 96 -6.20 -1.56 -17.03
CA SER A 96 -7.32 -1.18 -17.86
C SER A 96 -8.35 -2.30 -17.84
N GLU A 97 -9.63 -1.92 -17.99
CA GLU A 97 -10.67 -2.91 -18.21
C GLU A 97 -10.61 -3.49 -19.61
N ASP A 98 -9.95 -2.78 -20.54
CA ASP A 98 -9.66 -3.29 -21.88
C ASP A 98 -8.43 -4.16 -21.79
N CYS A 99 -8.63 -5.43 -21.39
CA CYS A 99 -7.51 -6.30 -21.09
C CYS A 99 -7.63 -7.72 -21.62
N LEU A 100 -8.70 -8.05 -22.36
CA LEU A 100 -8.92 -9.41 -22.83
C LEU A 100 -8.10 -9.65 -24.09
N TYR A 101 -6.81 -9.91 -23.88
CA TYR A 101 -5.88 -10.22 -24.95
C TYR A 101 -5.10 -11.48 -24.59
N LEU A 102 -4.68 -12.22 -25.62
CA LEU A 102 -3.91 -13.43 -25.42
C LEU A 102 -2.62 -13.35 -26.22
N ASN A 103 -1.71 -14.28 -25.95
CA ASN A 103 -0.40 -14.30 -26.56
C ASN A 103 -0.11 -15.70 -27.11
N VAL A 104 0.69 -15.75 -28.17
CA VAL A 104 1.07 -17.00 -28.80
C VAL A 104 2.58 -16.98 -29.06
N TRP A 105 3.30 -17.95 -28.51
CA TRP A 105 4.69 -18.19 -28.86
C TRP A 105 4.76 -19.42 -29.76
N THR A 106 5.52 -19.32 -30.84
CA THR A 106 5.67 -20.42 -31.78
C THR A 106 7.12 -20.51 -32.21
N PRO A 107 7.62 -21.72 -32.47
CA PRO A 107 9.04 -21.88 -32.78
C PRO A 107 9.40 -21.27 -34.13
N TYR A 108 10.69 -20.98 -34.28
CA TYR A 108 11.24 -20.57 -35.56
C TYR A 108 12.27 -21.58 -36.04
N PRO A 109 12.11 -22.10 -37.27
CA PRO A 109 11.00 -21.77 -38.18
C PRO A 109 9.67 -22.37 -37.73
N ARG A 110 8.57 -21.83 -38.24
CA ARG A 110 7.26 -22.30 -37.84
C ARG A 110 7.11 -23.78 -38.13
N PRO A 111 6.51 -24.56 -37.23
CA PRO A 111 6.33 -25.99 -37.50
C PRO A 111 5.46 -26.22 -38.71
N THR A 112 5.89 -27.16 -39.56
CA THR A 112 5.15 -27.50 -40.76
C THR A 112 4.07 -28.55 -40.51
N SER A 113 4.23 -29.37 -39.47
CA SER A 113 3.24 -30.34 -39.03
C SER A 113 2.60 -29.88 -37.72
N PRO A 114 1.36 -30.28 -37.46
CA PRO A 114 0.69 -29.83 -36.22
C PRO A 114 1.48 -30.20 -34.98
N THR A 115 1.62 -29.23 -34.07
CA THR A 115 2.42 -29.35 -32.87
C THR A 115 1.55 -29.21 -31.63
N PRO A 116 1.78 -30.02 -30.59
CA PRO A 116 1.00 -29.88 -29.35
C PRO A 116 1.08 -28.49 -28.78
N VAL A 117 -0.01 -28.08 -28.12
CA VAL A 117 -0.18 -26.71 -27.63
C VAL A 117 -0.25 -26.74 -26.11
N LEU A 118 0.52 -25.86 -25.48
CA LEU A 118 0.44 -25.62 -24.04
C LEU A 118 -0.27 -24.28 -23.81
N VAL A 119 -1.23 -24.27 -22.89
CA VAL A 119 -2.03 -23.10 -22.60
C VAL A 119 -1.85 -22.77 -21.13
N TRP A 120 -1.25 -21.61 -20.84
CA TRP A 120 -0.96 -21.20 -19.48
C TRP A 120 -2.09 -20.33 -18.93
N ILE A 121 -2.50 -20.63 -17.70
CA ILE A 121 -3.46 -19.81 -16.96
C ILE A 121 -2.78 -19.37 -15.68
N TYR A 122 -2.56 -18.07 -15.54
CA TYR A 122 -1.83 -17.58 -14.38
C TYR A 122 -2.69 -17.64 -13.13
N GLY A 123 -2.01 -17.70 -11.98
CA GLY A 123 -2.65 -17.62 -10.69
C GLY A 123 -2.65 -16.21 -10.14
N GLY A 124 -3.01 -16.11 -8.86
CA GLY A 124 -3.09 -14.82 -8.22
C GLY A 124 -4.32 -14.67 -7.36
N GLY A 125 -4.78 -15.78 -6.78
CA GLY A 125 -5.92 -15.78 -5.88
C GLY A 125 -7.22 -15.30 -6.50
N PHE A 126 -7.31 -15.29 -7.82
CA PHE A 126 -8.44 -14.76 -8.58
C PHE A 126 -8.62 -13.26 -8.42
N TYR A 127 -7.67 -12.58 -7.77
CA TYR A 127 -7.73 -11.13 -7.61
C TYR A 127 -6.62 -10.39 -8.33
N SER A 128 -5.62 -11.11 -8.83
CA SER A 128 -4.47 -10.47 -9.45
C SER A 128 -3.89 -11.40 -10.51
N GLY A 129 -2.87 -10.92 -11.21
CA GLY A 129 -2.20 -11.72 -12.21
C GLY A 129 -2.24 -11.12 -13.60
N ALA A 130 -1.29 -11.51 -14.43
CA ALA A 130 -1.21 -11.04 -15.81
C ALA A 130 -0.33 -11.99 -16.60
N SER A 131 -0.67 -12.16 -17.88
CA SER A 131 0.14 -13.01 -18.75
C SER A 131 1.45 -12.34 -19.17
N SER A 132 1.63 -11.07 -18.85
CA SER A 132 2.80 -10.31 -19.28
C SER A 132 3.94 -10.36 -18.27
N LEU A 133 3.78 -11.02 -17.13
CA LEU A 133 4.82 -11.07 -16.14
C LEU A 133 6.07 -11.74 -16.71
N ASP A 134 7.25 -11.23 -16.31
CA ASP A 134 8.50 -11.76 -16.83
C ASP A 134 8.67 -13.24 -16.54
N VAL A 135 8.14 -13.71 -15.41
CA VAL A 135 8.28 -15.11 -15.03
C VAL A 135 7.45 -16.04 -15.90
N TYR A 136 6.50 -15.51 -16.67
CA TYR A 136 5.71 -16.30 -17.60
C TYR A 136 6.21 -16.20 -19.04
N ASP A 137 7.46 -15.77 -19.22
CA ASP A 137 8.02 -15.61 -20.57
C ASP A 137 8.16 -16.98 -21.22
N GLY A 138 7.43 -17.18 -22.32
CA GLY A 138 7.39 -18.47 -22.98
C GLY A 138 8.42 -18.72 -24.05
N ARG A 139 9.44 -17.86 -24.18
CA ARG A 139 10.39 -18.02 -25.27
C ARG A 139 11.32 -19.21 -25.06
N PHE A 140 11.68 -19.50 -23.80
CA PHE A 140 12.61 -20.59 -23.55
C PHE A 140 11.94 -21.94 -23.62
N LEU A 141 10.68 -22.04 -23.19
CA LEU A 141 9.95 -23.30 -23.31
C LEU A 141 9.68 -23.65 -24.76
N VAL A 142 9.34 -22.65 -25.59
CA VAL A 142 9.02 -22.90 -26.98
C VAL A 142 10.28 -23.21 -27.78
N GLN A 143 11.39 -22.55 -27.45
CA GLN A 143 12.63 -22.80 -28.18
C GLN A 143 13.18 -24.18 -27.87
N ALA A 144 13.24 -24.55 -26.58
CA ALA A 144 13.92 -25.77 -26.19
C ALA A 144 13.11 -27.01 -26.56
N GLU A 145 11.78 -26.93 -26.54
CA GLU A 145 10.93 -28.09 -26.74
C GLU A 145 10.08 -28.03 -27.99
N ARG A 146 10.14 -26.93 -28.74
CA ARG A 146 9.46 -26.78 -30.03
C ARG A 146 7.97 -27.10 -29.93
N THR A 147 7.33 -26.56 -28.90
CA THR A 147 5.88 -26.62 -28.76
C THR A 147 5.30 -25.22 -28.94
N VAL A 148 3.98 -25.17 -29.08
CA VAL A 148 3.25 -23.91 -29.20
C VAL A 148 2.69 -23.57 -27.83
N LEU A 149 2.93 -22.34 -27.37
CA LEU A 149 2.50 -21.89 -26.06
C LEU A 149 1.54 -20.72 -26.21
N VAL A 150 0.40 -20.82 -25.53
CA VAL A 150 -0.60 -19.76 -25.50
C VAL A 150 -0.82 -19.35 -24.04
N SER A 151 -1.07 -18.06 -23.82
CA SER A 151 -1.45 -17.57 -22.52
C SER A 151 -2.40 -16.40 -22.71
N MET A 152 -3.39 -16.28 -21.83
CA MET A 152 -4.41 -15.26 -21.95
C MET A 152 -4.54 -14.50 -20.64
N ASN A 153 -5.02 -13.26 -20.75
CA ASN A 153 -5.49 -12.50 -19.61
C ASN A 153 -6.96 -12.81 -19.38
N TYR A 154 -7.35 -12.83 -18.11
CA TYR A 154 -8.75 -12.98 -17.74
C TYR A 154 -9.06 -12.02 -16.61
N ARG A 155 -10.32 -11.60 -16.53
CA ARG A 155 -10.72 -10.62 -15.52
C ARG A 155 -10.60 -11.23 -14.13
N VAL A 156 -10.02 -10.47 -13.20
CA VAL A 156 -9.84 -10.89 -11.83
C VAL A 156 -10.58 -9.93 -10.91
N GLY A 157 -10.65 -10.29 -9.63
CA GLY A 157 -11.32 -9.45 -8.67
C GLY A 157 -12.82 -9.36 -8.92
N ALA A 158 -13.39 -8.21 -8.53
CA ALA A 158 -14.82 -7.98 -8.73
C ALA A 158 -15.18 -8.00 -10.21
N PHE A 159 -14.28 -7.52 -11.07
CA PHE A 159 -14.57 -7.47 -12.49
C PHE A 159 -14.73 -8.85 -13.10
N GLY A 160 -14.14 -9.87 -12.50
CA GLY A 160 -14.23 -11.22 -13.04
C GLY A 160 -15.11 -12.15 -12.26
N PHE A 161 -15.35 -11.86 -10.97
CA PHE A 161 -16.02 -12.84 -10.11
C PHE A 161 -17.00 -12.23 -9.12
N LEU A 162 -17.32 -10.94 -9.20
CA LEU A 162 -18.45 -10.43 -8.43
C LEU A 162 -19.72 -11.08 -8.94
N ALA A 163 -20.55 -11.56 -8.02
CA ALA A 163 -21.71 -12.37 -8.38
C ALA A 163 -22.90 -12.00 -7.50
N LEU A 164 -24.01 -11.62 -8.14
CA LEU A 164 -25.33 -11.60 -7.52
C LEU A 164 -26.09 -12.78 -8.11
N PRO A 165 -26.00 -13.96 -7.50
CA PRO A 165 -26.51 -15.17 -8.16
C PRO A 165 -27.98 -15.08 -8.50
N GLY A 166 -28.31 -15.57 -9.69
CA GLY A 166 -29.68 -15.51 -10.19
C GLY A 166 -29.88 -14.39 -11.18
N SER A 167 -29.28 -13.24 -10.92
CA SER A 167 -29.42 -12.09 -11.81
C SER A 167 -28.65 -12.31 -13.10
N ARG A 168 -29.03 -11.52 -14.12
CA ARG A 168 -28.33 -11.53 -15.40
C ARG A 168 -27.37 -10.36 -15.56
N GLU A 169 -27.42 -9.36 -14.68
CA GLU A 169 -26.50 -8.25 -14.76
C GLU A 169 -25.13 -8.60 -14.19
N ALA A 170 -25.07 -9.55 -13.27
CA ALA A 170 -23.81 -10.00 -12.68
C ALA A 170 -23.93 -11.47 -12.30
N PRO A 171 -23.85 -12.36 -13.30
CA PRO A 171 -24.05 -13.79 -13.01
C PRO A 171 -22.89 -14.42 -12.26
N GLY A 172 -21.68 -13.87 -12.40
CA GLY A 172 -20.50 -14.44 -11.78
C GLY A 172 -19.74 -15.35 -12.73
N ASN A 173 -18.53 -15.72 -12.31
CA ASN A 173 -17.65 -16.64 -13.03
C ASN A 173 -17.29 -16.12 -14.42
N VAL A 174 -17.48 -14.83 -14.70
CA VAL A 174 -17.19 -14.32 -16.03
C VAL A 174 -15.69 -14.36 -16.32
N GLY A 175 -14.85 -14.37 -15.27
CA GLY A 175 -13.42 -14.55 -15.50
C GLY A 175 -13.10 -15.94 -16.01
N LEU A 176 -13.83 -16.95 -15.55
CA LEU A 176 -13.68 -18.30 -16.09
C LEU A 176 -14.17 -18.37 -17.53
N LEU A 177 -15.22 -17.62 -17.85
CA LEU A 177 -15.71 -17.57 -19.22
C LEU A 177 -14.72 -16.85 -20.14
N ASP A 178 -13.96 -15.90 -19.60
CA ASP A 178 -12.86 -15.31 -20.38
C ASP A 178 -11.86 -16.37 -20.79
N GLN A 179 -11.45 -17.23 -19.85
CA GLN A 179 -10.51 -18.29 -20.16
C GLN A 179 -11.09 -19.26 -21.18
N ARG A 180 -12.38 -19.57 -21.06
CA ARG A 180 -13.02 -20.49 -22.00
C ARG A 180 -13.04 -19.91 -23.41
N LEU A 181 -13.40 -18.63 -23.53
CA LEU A 181 -13.38 -17.98 -24.84
C LEU A 181 -12.00 -18.02 -25.46
N ALA A 182 -10.96 -17.87 -24.63
CA ALA A 182 -9.59 -18.00 -25.12
C ALA A 182 -9.28 -19.43 -25.56
N LEU A 183 -9.91 -20.42 -24.91
CA LEU A 183 -9.72 -21.80 -25.35
C LEU A 183 -10.45 -22.07 -26.66
N GLN A 184 -11.65 -21.52 -26.82
CA GLN A 184 -12.34 -21.61 -28.10
C GLN A 184 -11.55 -20.89 -29.19
N TRP A 185 -10.86 -19.81 -28.84
CA TRP A 185 -10.01 -19.11 -29.81
C TRP A 185 -8.85 -19.99 -30.25
N VAL A 186 -8.27 -20.76 -29.32
CA VAL A 186 -7.18 -21.66 -29.67
C VAL A 186 -7.67 -22.75 -30.61
N GLN A 187 -8.89 -23.25 -30.40
CA GLN A 187 -9.44 -24.27 -31.28
C GLN A 187 -9.59 -23.76 -32.70
N GLU A 188 -9.93 -22.48 -32.86
CA GLU A 188 -10.24 -21.93 -34.17
C GLU A 188 -9.05 -21.30 -34.87
N ASN A 189 -7.96 -21.02 -34.16
CA ASN A 189 -6.88 -20.25 -34.75
C ASN A 189 -5.47 -20.77 -34.51
N VAL A 190 -5.26 -21.72 -33.59
CA VAL A 190 -3.88 -22.12 -33.28
C VAL A 190 -3.21 -22.85 -34.43
N ALA A 191 -3.99 -23.40 -35.36
CA ALA A 191 -3.39 -24.05 -36.53
C ALA A 191 -2.65 -23.05 -37.40
N ALA A 192 -3.09 -21.80 -37.41
CA ALA A 192 -2.41 -20.77 -38.19
C ALA A 192 -0.99 -20.51 -37.69
N PHE A 193 -0.68 -20.90 -36.46
CA PHE A 193 0.65 -20.76 -35.90
C PHE A 193 1.44 -22.07 -35.92
N GLY A 194 0.87 -23.13 -36.49
CA GLY A 194 1.51 -24.43 -36.48
C GLY A 194 1.14 -25.30 -35.31
N GLY A 195 0.08 -24.97 -34.59
CA GLY A 195 -0.32 -25.72 -33.41
C GLY A 195 -1.42 -26.74 -33.71
N ASP A 196 -1.44 -27.81 -32.92
CA ASP A 196 -2.39 -28.89 -33.11
C ASP A 196 -3.59 -28.66 -32.20
N PRO A 197 -4.76 -28.27 -32.72
CA PRO A 197 -5.93 -28.09 -31.84
C PRO A 197 -6.47 -29.38 -31.26
N THR A 198 -5.98 -30.54 -31.68
CA THR A 198 -6.39 -31.81 -31.10
C THR A 198 -5.47 -32.27 -29.98
N SER A 199 -4.43 -31.48 -29.65
CA SER A 199 -3.50 -31.82 -28.57
C SER A 199 -3.24 -30.53 -27.77
N VAL A 200 -4.18 -30.17 -26.92
CA VAL A 200 -4.11 -28.96 -26.12
C VAL A 200 -3.98 -29.36 -24.66
N THR A 201 -2.90 -28.93 -24.02
CA THR A 201 -2.63 -29.23 -22.61
C THR A 201 -2.71 -27.94 -21.82
N LEU A 202 -3.70 -27.87 -20.93
CA LEU A 202 -3.80 -26.74 -20.01
C LEU A 202 -2.85 -26.92 -18.85
N PHE A 203 -2.19 -25.84 -18.45
CA PHE A 203 -1.41 -25.85 -17.22
C PHE A 203 -1.48 -24.48 -16.56
N GLY A 204 -1.56 -24.48 -15.24
CA GLY A 204 -1.66 -23.26 -14.46
C GLY A 204 -1.19 -23.52 -13.04
N GLU A 205 -1.03 -22.42 -12.31
CA GLU A 205 -0.52 -22.48 -10.95
C GLU A 205 -1.44 -21.71 -10.02
N SER A 206 -1.63 -22.25 -8.82
CA SER A 206 -2.42 -21.62 -7.75
C SER A 206 -3.85 -21.41 -8.28
N ALA A 207 -4.34 -20.16 -8.36
CA ALA A 207 -5.69 -19.95 -8.89
C ALA A 207 -5.80 -20.39 -10.35
N GLY A 208 -4.69 -20.36 -11.08
CA GLY A 208 -4.70 -20.92 -12.42
C GLY A 208 -4.88 -22.43 -12.42
N ALA A 209 -4.23 -23.11 -11.48
CA ALA A 209 -4.45 -24.55 -11.33
C ALA A 209 -5.88 -24.85 -10.93
N ALA A 210 -6.43 -24.07 -10.00
CA ALA A 210 -7.85 -24.20 -9.68
C ALA A 210 -8.71 -23.97 -10.91
N SER A 211 -8.36 -22.97 -11.72
CA SER A 211 -9.09 -22.71 -12.96
C SER A 211 -9.03 -23.91 -13.89
N VAL A 212 -7.83 -24.49 -14.06
CA VAL A 212 -7.68 -25.68 -14.88
C VAL A 212 -8.59 -26.80 -14.37
N GLY A 213 -8.71 -26.92 -13.04
CA GLY A 213 -9.59 -27.93 -12.48
C GLY A 213 -11.06 -27.66 -12.77
N MET A 214 -11.46 -26.38 -12.73
CA MET A 214 -12.86 -26.07 -12.99
CA MET A 214 -12.85 -26.03 -13.01
C MET A 214 -13.23 -26.35 -14.44
N HIS A 215 -12.30 -26.22 -15.38
CA HIS A 215 -12.59 -26.55 -16.77
C HIS A 215 -12.71 -28.05 -16.97
N LEU A 216 -12.00 -28.84 -16.16
CA LEU A 216 -12.20 -30.29 -16.18
C LEU A 216 -13.61 -30.66 -15.76
N LEU A 217 -14.17 -29.92 -14.81
CA LEU A 217 -15.47 -30.22 -14.24
C LEU A 217 -16.62 -29.50 -14.93
N SER A 218 -16.34 -28.71 -15.97
CA SER A 218 -17.37 -28.02 -16.71
C SER A 218 -17.48 -28.61 -18.11
N PRO A 219 -18.63 -29.18 -18.48
CA PRO A 219 -18.76 -29.85 -19.78
C PRO A 219 -18.45 -28.93 -20.96
N PRO A 220 -18.96 -27.68 -20.99
CA PRO A 220 -18.66 -26.84 -22.17
C PRO A 220 -17.18 -26.59 -22.37
N SER A 221 -16.37 -26.64 -21.31
CA SER A 221 -14.94 -26.43 -21.44
C SER A 221 -14.16 -27.71 -21.68
N ARG A 222 -14.70 -28.86 -21.27
CA ARG A 222 -13.95 -30.12 -21.31
C ARG A 222 -13.56 -30.49 -22.73
N GLY A 223 -14.38 -30.17 -23.71
CA GLY A 223 -14.07 -30.52 -25.09
C GLY A 223 -13.03 -29.63 -25.75
N LEU A 224 -12.57 -28.59 -25.06
CA LEU A 224 -11.63 -27.64 -25.63
C LEU A 224 -10.17 -27.98 -25.31
N PHE A 225 -9.93 -29.05 -24.56
CA PHE A 225 -8.57 -29.44 -24.23
C PHE A 225 -8.56 -30.94 -23.94
N HIS A 226 -7.36 -31.49 -23.78
CA HIS A 226 -7.17 -32.92 -23.66
C HIS A 226 -6.30 -33.36 -22.49
N ARG A 227 -5.47 -32.49 -21.94
CA ARG A 227 -4.66 -32.81 -20.77
C ARG A 227 -4.71 -31.63 -19.81
N ALA A 228 -4.23 -31.86 -18.59
CA ALA A 228 -4.29 -30.84 -17.56
C ALA A 228 -3.10 -30.96 -16.63
N VAL A 229 -2.53 -29.82 -16.25
CA VAL A 229 -1.48 -29.74 -15.25
C VAL A 229 -1.92 -28.75 -14.19
N LEU A 230 -1.96 -29.20 -12.94
CA LEU A 230 -2.41 -28.39 -11.80
C LEU A 230 -1.23 -28.23 -10.86
N GLN A 231 -0.64 -27.04 -10.83
CA GLN A 231 0.54 -26.75 -10.01
C GLN A 231 0.09 -25.97 -8.78
N SER A 232 0.20 -26.60 -7.61
CA SER A 232 -0.05 -25.95 -6.32
C SER A 232 -1.43 -25.32 -6.26
N GLY A 233 -2.44 -26.07 -6.69
CA GLY A 233 -3.79 -25.58 -6.69
C GLY A 233 -4.77 -26.65 -7.13
N ALA A 234 -6.01 -26.47 -6.69
CA ALA A 234 -7.07 -27.42 -6.99
C ALA A 234 -8.40 -26.71 -6.87
N PRO A 235 -9.42 -27.12 -7.64
CA PRO A 235 -10.73 -26.45 -7.54
C PRO A 235 -11.47 -26.73 -6.26
N ASN A 236 -11.11 -27.78 -5.52
CA ASN A 236 -11.79 -28.15 -4.29
C ASN A 236 -11.16 -27.48 -3.06
N GLY A 237 -10.21 -26.57 -3.25
CA GLY A 237 -9.61 -25.86 -2.15
C GLY A 237 -10.62 -25.01 -1.41
N PRO A 238 -10.39 -24.79 -0.11
CA PRO A 238 -11.34 -23.98 0.68
C PRO A 238 -11.37 -22.52 0.27
N TRP A 239 -10.42 -22.07 -0.56
CA TRP A 239 -10.34 -20.69 -1.02
C TRP A 239 -10.82 -20.51 -2.45
N ALA A 240 -10.98 -21.60 -3.21
CA ALA A 240 -11.19 -21.50 -4.64
C ALA A 240 -12.64 -21.21 -5.02
N THR A 241 -13.59 -21.49 -4.15
CA THR A 241 -15.00 -21.26 -4.45
C THR A 241 -15.68 -20.64 -3.24
N VAL A 242 -16.86 -20.05 -3.48
CA VAL A 242 -17.74 -19.54 -2.43
C VAL A 242 -19.17 -19.92 -2.77
N GLY A 243 -20.04 -19.84 -1.75
CA GLY A 243 -21.44 -20.12 -1.95
C GLY A 243 -22.21 -18.92 -2.47
N MET A 244 -23.42 -19.20 -2.96
CA MET A 244 -24.25 -18.14 -3.52
C MET A 244 -24.60 -17.09 -2.47
N GLY A 245 -24.91 -17.52 -1.25
CA GLY A 245 -25.25 -16.57 -0.20
C GLY A 245 -24.08 -15.69 0.18
N GLU A 246 -22.89 -16.27 0.31
CA GLU A 246 -21.72 -15.48 0.68
C GLU A 246 -21.27 -14.58 -0.46
N ALA A 247 -21.40 -15.04 -1.70
CA ALA A 247 -21.06 -14.20 -2.85
C ALA A 247 -21.98 -12.98 -2.93
N ARG A 248 -23.27 -13.18 -2.63
CA ARG A 248 -24.20 -12.05 -2.63
C ARG A 248 -23.87 -11.06 -1.52
N ARG A 249 -23.50 -11.56 -0.34
CA ARG A 249 -23.15 -10.67 0.76
C ARG A 249 -21.92 -9.85 0.44
N ARG A 250 -20.91 -10.47 -0.18
CA ARG A 250 -19.68 -9.74 -0.51
C ARG A 250 -19.95 -8.70 -1.59
N ALA A 251 -20.75 -9.04 -2.60
CA ALA A 251 -21.07 -8.08 -3.65
C ALA A 251 -21.88 -6.92 -3.09
N THR A 252 -22.80 -7.19 -2.17
CA THR A 252 -23.61 -6.12 -1.59
C THR A 252 -22.79 -5.23 -0.69
N GLN A 253 -21.82 -5.80 0.05
CA GLN A 253 -20.97 -4.98 0.90
C GLN A 253 -20.05 -4.09 0.08
N LEU A 254 -19.50 -4.63 -1.02
CA LEU A 254 -18.69 -3.79 -1.90
C LEU A 254 -19.50 -2.63 -2.45
N ALA A 255 -20.75 -2.88 -2.84
CA ALA A 255 -21.62 -1.80 -3.30
C ALA A 255 -21.82 -0.75 -2.20
N HIS A 256 -22.02 -1.20 -0.96
CA HIS A 256 -22.21 -0.27 0.15
C HIS A 256 -20.97 0.57 0.37
N LEU A 257 -19.78 -0.03 0.28
CA LEU A 257 -18.55 0.70 0.52
C LEU A 257 -18.28 1.78 -0.52
N VAL A 258 -18.85 1.64 -1.72
CA VAL A 258 -18.66 2.63 -2.78
C VAL A 258 -19.91 3.49 -2.98
N GLY A 259 -20.85 3.46 -2.03
CA GLY A 259 -22.03 4.29 -2.10
C GLY A 259 -23.18 3.73 -2.90
N CYS A 260 -23.25 2.42 -3.08
CA CYS A 260 -24.34 1.81 -3.84
C CYS A 260 -25.20 0.91 -2.95
N PRO A 261 -26.52 1.14 -2.94
CA PRO A 261 -27.19 2.21 -3.67
C PRO A 261 -27.20 3.51 -2.86
N PRO A 262 -27.47 4.64 -3.52
CA PRO A 262 -27.56 5.90 -2.77
C PRO A 262 -28.79 5.89 -1.88
N GLY A 263 -28.62 6.41 -0.66
CA GLY A 263 -29.74 6.50 0.26
C GLY A 263 -30.76 7.53 -0.18
N GLY A 264 -32.03 7.15 -0.19
CA GLY A 264 -32.45 5.78 0.01
C GLY A 264 -33.20 5.33 -1.24
N THR A 265 -32.60 4.45 -2.00
CA THR A 265 -33.11 4.14 -3.33
C THR A 265 -33.32 2.66 -3.57
N GLY A 266 -32.47 1.79 -3.03
CA GLY A 266 -32.58 0.37 -3.27
C GLY A 266 -31.89 -0.04 -4.56
N GLY A 267 -31.64 -1.34 -4.73
CA GLY A 267 -32.06 -2.35 -3.77
C GLY A 267 -31.99 -3.70 -4.43
N ASN A 268 -32.82 -3.91 -5.45
CA ASN A 268 -32.74 -5.13 -6.23
C ASN A 268 -31.44 -5.17 -7.02
N ASP A 269 -31.19 -6.31 -7.68
CA ASP A 269 -29.89 -6.54 -8.31
C ASP A 269 -29.67 -5.62 -9.50
N THR A 270 -30.73 -5.26 -10.24
CA THR A 270 -30.56 -4.41 -11.40
C THR A 270 -30.06 -3.03 -11.00
N GLU A 271 -30.64 -2.45 -9.95
CA GLU A 271 -30.20 -1.13 -9.49
C GLU A 271 -28.81 -1.18 -8.87
N LEU A 272 -28.48 -2.30 -8.21
CA LEU A 272 -27.18 -2.40 -7.54
C LEU A 272 -26.05 -2.47 -8.56
N VAL A 273 -26.20 -3.31 -9.59
CA VAL A 273 -25.15 -3.43 -10.60
C VAL A 273 -25.06 -2.16 -11.44
N ALA A 274 -26.20 -1.52 -11.70
CA ALA A 274 -26.20 -0.28 -12.47
C ALA A 274 -25.40 0.80 -11.75
N CYS A 275 -25.54 0.89 -10.42
CA CYS A 275 -24.75 1.83 -9.65
C CYS A 275 -23.27 1.44 -9.66
N LEU A 276 -22.99 0.14 -9.58
CA LEU A 276 -21.60 -0.32 -9.62
C LEU A 276 -20.93 -0.03 -10.95
N ARG A 277 -21.70 -0.08 -12.05
CA ARG A 277 -21.11 0.16 -13.37
C ARG A 277 -20.74 1.61 -13.59
N THR A 278 -21.26 2.54 -12.79
CA THR A 278 -20.90 3.94 -12.91
C THR A 278 -19.64 4.30 -12.13
N ARG A 279 -19.21 3.45 -11.21
CA ARG A 279 -18.04 3.73 -10.39
C ARG A 279 -16.76 3.51 -11.20
N PRO A 280 -15.75 4.36 -11.02
CA PRO A 280 -14.45 4.10 -11.65
C PRO A 280 -13.88 2.77 -11.17
N ALA A 281 -13.13 2.12 -12.05
CA ALA A 281 -12.62 0.77 -11.76
C ALA A 281 -11.71 0.79 -10.54
N GLN A 282 -10.90 1.83 -10.38
CA GLN A 282 -9.99 1.89 -9.24
C GLN A 282 -10.74 1.98 -7.92
N VAL A 283 -11.91 2.62 -7.92
CA VAL A 283 -12.70 2.75 -6.69
C VAL A 283 -13.15 1.38 -6.20
N LEU A 284 -13.53 0.49 -7.12
CA LEU A 284 -13.90 -0.86 -6.73
C LEU A 284 -12.69 -1.62 -6.18
N VAL A 285 -11.53 -1.45 -6.81
CA VAL A 285 -10.33 -2.15 -6.36
C VAL A 285 -9.95 -1.71 -4.94
N ASN A 286 -10.14 -0.43 -4.63
CA ASN A 286 -9.69 0.12 -3.36
C ASN A 286 -10.46 -0.42 -2.16
N HIS A 287 -11.59 -1.09 -2.37
CA HIS A 287 -12.38 -1.63 -1.27
C HIS A 287 -12.56 -3.14 -1.35
N GLU A 288 -11.74 -3.82 -2.16
CA GLU A 288 -11.95 -5.24 -2.40
C GLU A 288 -11.70 -6.07 -1.15
N TRP A 289 -10.62 -5.79 -0.42
CA TRP A 289 -10.27 -6.61 0.73
C TRP A 289 -11.17 -6.37 1.93
N HIS A 290 -11.93 -5.28 1.94
CA HIS A 290 -12.75 -4.93 3.08
C HIS A 290 -14.07 -5.69 3.14
N VAL A 291 -14.26 -6.70 2.28
CA VAL A 291 -15.49 -7.49 2.27
C VAL A 291 -15.26 -8.91 2.77
N LEU A 292 -14.04 -9.28 3.11
CA LEU A 292 -13.79 -10.61 3.65
C LEU A 292 -14.41 -10.74 5.04
N PRO A 293 -14.94 -11.91 5.37
CA PRO A 293 -15.73 -12.03 6.62
C PRO A 293 -14.90 -11.91 7.89
N GLN A 294 -13.62 -12.25 7.87
CA GLN A 294 -12.82 -12.15 9.09
C GLN A 294 -11.34 -12.15 8.73
N GLU A 295 -10.53 -11.83 9.74
CA GLU A 295 -9.07 -11.89 9.63
C GLU A 295 -8.62 -13.28 9.19
N SER A 296 -7.80 -13.33 8.15
CA SER A 296 -7.43 -14.62 7.56
C SER A 296 -6.22 -14.43 6.66
N VAL A 297 -5.62 -15.57 6.30
CA VAL A 297 -4.66 -15.67 5.21
C VAL A 297 -5.20 -16.70 4.22
N PHE A 298 -4.75 -16.57 2.97
CA PHE A 298 -5.13 -17.50 1.90
C PHE A 298 -6.64 -17.48 1.68
N ARG A 299 -7.24 -16.30 1.78
CA ARG A 299 -8.65 -16.09 1.50
C ARG A 299 -8.79 -14.86 0.61
N PHE A 300 -9.68 -14.95 -0.37
CA PHE A 300 -9.83 -13.90 -1.38
C PHE A 300 -11.29 -13.56 -1.57
N SER A 301 -11.55 -12.28 -1.87
CA SER A 301 -12.90 -11.74 -1.80
C SER A 301 -13.79 -12.31 -2.90
N PHE A 302 -13.35 -12.22 -4.15
CA PHE A 302 -14.19 -12.57 -5.31
C PHE A 302 -13.55 -13.74 -6.04
N VAL A 303 -14.14 -14.91 -5.87
CA VAL A 303 -13.63 -16.16 -6.44
C VAL A 303 -14.80 -16.83 -7.17
N PRO A 304 -14.56 -17.91 -7.94
CA PRO A 304 -15.67 -18.59 -8.60
C PRO A 304 -16.77 -18.99 -7.62
N VAL A 305 -18.02 -18.87 -8.08
CA VAL A 305 -19.20 -19.14 -7.26
C VAL A 305 -19.86 -20.42 -7.75
N VAL A 306 -20.36 -21.21 -6.81
CA VAL A 306 -21.10 -22.43 -7.13
C VAL A 306 -22.57 -22.03 -7.27
N ASP A 307 -23.02 -21.83 -8.50
CA ASP A 307 -24.35 -21.31 -8.78
C ASP A 307 -25.22 -22.24 -9.61
N GLY A 308 -24.68 -23.36 -10.09
CA GLY A 308 -25.45 -24.27 -10.93
C GLY A 308 -25.28 -24.06 -12.42
N ASP A 309 -24.55 -23.03 -12.84
CA ASP A 309 -24.35 -22.76 -14.25
C ASP A 309 -23.00 -23.29 -14.73
N PHE A 310 -21.93 -22.52 -14.51
CA PHE A 310 -20.60 -22.99 -14.86
C PHE A 310 -20.25 -24.25 -14.07
N LEU A 311 -20.67 -24.30 -12.81
CA LEU A 311 -20.48 -25.46 -11.95
C LEU A 311 -21.86 -25.96 -11.54
N SER A 312 -22.28 -27.10 -12.12
CA SER A 312 -23.58 -27.66 -11.79
C SER A 312 -23.68 -28.06 -10.32
N ASP A 313 -22.55 -28.31 -9.67
CA ASP A 313 -22.52 -28.62 -8.25
C ASP A 313 -21.16 -28.18 -7.71
N THR A 314 -20.95 -28.40 -6.41
CA THR A 314 -19.67 -28.06 -5.81
C THR A 314 -18.55 -28.84 -6.47
N PRO A 315 -17.34 -28.29 -6.52
CA PRO A 315 -16.21 -29.05 -7.09
C PRO A 315 -16.01 -30.40 -6.42
N GLU A 316 -16.19 -30.47 -5.10
CA GLU A 316 -16.05 -31.73 -4.39
C GLU A 316 -17.03 -32.78 -4.90
N ALA A 317 -18.29 -32.38 -5.12
CA ALA A 317 -19.29 -33.33 -5.61
C ALA A 317 -19.00 -33.76 -7.04
N LEU A 318 -18.62 -32.81 -7.91
CA LEU A 318 -18.34 -33.15 -9.30
C LEU A 318 -17.10 -34.02 -9.43
N ILE A 319 -16.13 -33.86 -8.53
CA ILE A 319 -14.92 -34.69 -8.57
C ILE A 319 -15.26 -36.13 -8.19
N ASN A 320 -16.09 -36.31 -7.17
CA ASN A 320 -16.43 -37.66 -6.71
C ASN A 320 -17.25 -38.41 -7.75
N ALA A 321 -18.22 -37.74 -8.37
CA ALA A 321 -19.13 -38.38 -9.31
C ALA A 321 -18.64 -38.30 -10.76
N GLY A 322 -17.36 -38.00 -10.97
CA GLY A 322 -16.84 -37.76 -12.32
C GLY A 322 -16.23 -39.00 -12.93
N ASP A 323 -16.43 -39.14 -14.25
CA ASP A 323 -15.78 -40.17 -15.05
C ASP A 323 -14.63 -39.51 -15.80
N PHE A 324 -13.40 -39.96 -15.51
CA PHE A 324 -12.21 -39.32 -16.03
C PHE A 324 -11.39 -40.26 -16.92
N HIS A 325 -12.06 -41.23 -17.56
CA HIS A 325 -11.35 -42.12 -18.47
C HIS A 325 -10.91 -41.38 -19.72
N GLY A 326 -9.71 -41.70 -20.20
CA GLY A 326 -9.16 -41.04 -21.36
C GLY A 326 -8.54 -39.69 -21.10
N LEU A 327 -8.19 -39.40 -19.85
CA LEU A 327 -7.64 -38.11 -19.46
C LEU A 327 -6.35 -38.32 -18.69
N GLN A 328 -5.33 -37.54 -19.02
CA GLN A 328 -4.05 -37.56 -18.31
C GLN A 328 -3.88 -36.25 -17.56
N VAL A 329 -3.51 -36.35 -16.28
CA VAL A 329 -3.35 -35.19 -15.41
C VAL A 329 -2.00 -35.26 -14.73
N LEU A 330 -1.33 -34.11 -14.64
CA LEU A 330 -0.09 -33.95 -13.88
C LEU A 330 -0.33 -32.94 -12.78
N VAL A 331 -0.15 -33.36 -11.53
CA VAL A 331 -0.38 -32.47 -10.39
C VAL A 331 0.88 -32.46 -9.53
N GLY A 332 0.98 -31.43 -8.68
CA GLY A 332 2.13 -31.32 -7.80
C GLY A 332 2.02 -30.10 -6.93
N VAL A 333 2.97 -30.01 -5.99
CA VAL A 333 3.04 -28.93 -5.02
C VAL A 333 4.52 -28.59 -4.80
N VAL A 334 4.75 -27.43 -4.18
CA VAL A 334 6.10 -27.05 -3.78
C VAL A 334 6.32 -27.54 -2.35
N LYS A 335 7.58 -27.48 -1.89
CA LYS A 335 7.91 -28.09 -0.61
C LYS A 335 7.32 -27.32 0.57
N ASP A 336 7.20 -25.99 0.46
CA ASP A 336 6.71 -25.14 1.55
C ASP A 336 5.56 -24.29 1.02
N GLU A 337 4.38 -24.88 0.93
CA GLU A 337 3.23 -24.20 0.32
C GLU A 337 2.73 -23.04 1.18
N GLY A 338 2.85 -23.14 2.49
CA GLY A 338 2.20 -22.18 3.38
C GLY A 338 3.04 -21.03 3.86
N SER A 339 4.37 -21.12 3.71
CA SER A 339 5.26 -20.13 4.31
C SER A 339 5.02 -18.73 3.74
N TYR A 340 4.70 -18.63 2.46
CA TYR A 340 4.50 -17.33 1.82
C TYR A 340 3.40 -16.53 2.50
N PHE A 341 2.30 -17.19 2.86
CA PHE A 341 1.09 -16.51 3.31
C PHE A 341 1.14 -16.09 4.77
N LEU A 342 2.16 -16.53 5.53
CA LEU A 342 2.19 -16.25 6.96
C LEU A 342 2.56 -14.80 7.25
N VAL A 343 3.36 -14.16 6.38
CA VAL A 343 3.71 -12.76 6.58
C VAL A 343 2.58 -11.83 6.17
N TYR A 344 1.42 -12.39 5.81
CA TYR A 344 0.27 -11.59 5.39
C TYR A 344 -0.86 -11.61 6.43
N GLY A 345 -0.52 -11.80 7.71
CA GLY A 345 -1.54 -11.75 8.73
C GLY A 345 -1.26 -12.58 9.98
N ALA A 346 -0.45 -13.61 9.87
CA ALA A 346 -0.16 -14.45 11.03
C ALA A 346 0.69 -13.66 12.02
N PRO A 347 0.29 -13.57 13.29
CA PRO A 347 1.02 -12.74 14.24
C PRO A 347 2.42 -13.28 14.52
N GLY A 348 3.37 -12.35 14.67
CA GLY A 348 4.74 -12.69 14.96
C GLY A 348 5.61 -12.96 13.75
N PHE A 349 5.04 -12.92 12.55
CA PHE A 349 5.78 -13.24 11.33
C PHE A 349 6.24 -11.97 10.63
N SER A 350 7.44 -12.05 10.05
CA SER A 350 8.05 -10.94 9.32
C SER A 350 9.09 -11.53 8.39
N LYS A 351 9.12 -11.04 7.14
CA LYS A 351 10.09 -11.54 6.19
C LYS A 351 11.51 -11.09 6.50
N ASP A 352 11.68 -10.12 7.39
CA ASP A 352 12.99 -9.54 7.68
C ASP A 352 13.57 -10.01 9.01
N ASN A 353 12.94 -11.00 9.67
CA ASN A 353 13.55 -11.66 10.81
C ASN A 353 13.32 -13.16 10.66
N GLU A 354 13.64 -13.93 11.70
CA GLU A 354 13.55 -15.37 11.64
C GLU A 354 12.14 -15.89 11.92
N SER A 355 11.22 -15.04 12.38
CA SER A 355 9.83 -15.42 12.65
C SER A 355 9.77 -16.58 13.65
N LEU A 356 10.58 -16.50 14.70
CA LEU A 356 10.58 -17.50 15.77
C LEU A 356 9.42 -17.18 16.71
N ILE A 357 8.22 -17.63 16.31
CA ILE A 357 7.02 -17.27 17.04
C ILE A 357 6.94 -18.04 18.35
N SER A 358 6.14 -17.51 19.27
CA SER A 358 5.82 -18.17 20.52
C SER A 358 4.62 -19.09 20.35
N ARG A 359 4.34 -19.88 21.39
CA ARG A 359 3.19 -20.77 21.32
C ARG A 359 1.88 -19.98 21.31
N ALA A 360 1.83 -18.87 22.06
CA ALA A 360 0.65 -18.02 22.01
C ALA A 360 0.41 -17.48 20.60
N GLU A 361 1.49 -17.07 19.93
CA GLU A 361 1.36 -16.62 18.54
C GLU A 361 0.95 -17.77 17.62
N PHE A 362 1.47 -18.98 17.90
CA PHE A 362 1.07 -20.13 17.10
C PHE A 362 -0.40 -20.45 17.26
N LEU A 363 -0.91 -20.41 18.50
CA LEU A 363 -2.32 -20.69 18.73
C LEU A 363 -3.21 -19.65 18.08
N ALA A 364 -2.80 -18.38 18.12
CA ALA A 364 -3.54 -17.33 17.44
C ALA A 364 -3.42 -17.46 15.92
N GLY A 365 -2.27 -17.91 15.43
CA GLY A 365 -2.08 -18.06 13.99
C GLY A 365 -2.94 -19.16 13.39
N VAL A 366 -3.27 -20.19 14.18
CA VAL A 366 -4.13 -21.26 13.68
C VAL A 366 -5.51 -20.73 13.32
N ARG A 367 -6.02 -19.79 14.11
CA ARG A 367 -7.33 -19.21 13.83
C ARG A 367 -7.28 -18.33 12.59
N VAL A 368 -6.13 -17.73 12.29
CA VAL A 368 -5.99 -16.95 11.06
C VAL A 368 -5.78 -17.86 9.87
N GLY A 369 -5.02 -18.95 10.04
CA GLY A 369 -4.79 -19.88 8.95
C GLY A 369 -5.97 -20.77 8.66
N VAL A 370 -6.82 -21.03 9.65
CA VAL A 370 -8.03 -21.83 9.45
C VAL A 370 -9.22 -20.99 9.90
N PRO A 371 -9.68 -20.04 9.09
CA PRO A 371 -10.72 -19.11 9.54
C PRO A 371 -12.08 -19.77 9.68
N GLN A 372 -12.90 -19.15 10.53
CA GLN A 372 -14.23 -19.61 10.94
C GLN A 372 -14.38 -21.12 11.00
N VAL A 373 -13.64 -21.75 11.92
CA VAL A 373 -13.91 -23.11 12.36
C VAL A 373 -14.18 -23.04 13.87
N SER A 374 -14.86 -24.07 14.37
CA SER A 374 -15.19 -24.11 15.79
C SER A 374 -13.92 -24.16 16.63
N ASP A 375 -14.06 -23.74 17.89
CA ASP A 375 -12.94 -23.85 18.83
C ASP A 375 -12.48 -25.30 18.97
N LEU A 376 -13.42 -26.25 18.92
CA LEU A 376 -13.07 -27.66 18.97
C LEU A 376 -12.25 -28.06 17.75
N ALA A 377 -12.62 -27.56 16.56
CA ALA A 377 -11.85 -27.86 15.37
C ALA A 377 -10.45 -27.28 15.44
N ALA A 378 -10.30 -26.09 15.99
CA ALA A 378 -8.98 -25.50 16.17
C ALA A 378 -8.15 -26.32 17.13
N GLU A 379 -8.77 -26.86 18.18
CA GLU A 379 -8.05 -27.75 19.10
C GLU A 379 -7.55 -29.00 18.38
N ALA A 380 -8.36 -29.52 17.46
CA ALA A 380 -7.93 -30.69 16.69
C ALA A 380 -6.74 -30.34 15.80
N VAL A 381 -6.73 -29.15 15.21
CA VAL A 381 -5.61 -28.72 14.39
C VAL A 381 -4.36 -28.59 15.25
N VAL A 382 -4.49 -27.99 16.43
CA VAL A 382 -3.34 -27.81 17.31
C VAL A 382 -2.78 -29.15 17.75
N LEU A 383 -3.65 -30.12 18.03
CA LEU A 383 -3.19 -31.45 18.44
C LEU A 383 -2.36 -32.10 17.33
N HIS A 384 -2.83 -32.01 16.09
N HIS A 384 -2.83 -32.02 16.09
CA HIS A 384 -2.16 -32.72 15.01
CA HIS A 384 -2.17 -32.72 14.99
C HIS A 384 -0.83 -32.09 14.63
C HIS A 384 -0.82 -32.09 14.65
N TYR A 385 -0.71 -30.76 14.77
CA TYR A 385 0.47 -30.05 14.30
C TYR A 385 1.40 -29.60 15.42
N THR A 386 1.18 -30.06 16.64
CA THR A 386 2.09 -29.77 17.75
C THR A 386 3.02 -30.97 17.96
N ASP A 387 4.32 -30.69 18.08
CA ASP A 387 5.28 -31.69 18.52
C ASP A 387 5.26 -31.66 20.04
N TRP A 388 4.58 -32.64 20.65
CA TRP A 388 4.37 -32.60 22.10
C TRP A 388 5.63 -32.94 22.89
N LEU A 389 6.72 -33.31 22.23
CA LEU A 389 8.02 -33.36 22.89
C LEU A 389 8.69 -31.99 22.92
N HIS A 390 8.34 -31.10 22.00
CA HIS A 390 8.86 -29.73 21.97
C HIS A 390 7.73 -28.77 21.65
N PRO A 391 6.73 -28.67 22.53
CA PRO A 391 5.54 -27.87 22.20
C PRO A 391 5.77 -26.38 22.20
N GLU A 392 6.92 -25.90 22.70
CA GLU A 392 7.20 -24.48 22.78
C GLU A 392 8.35 -24.04 21.89
N ASP A 393 8.97 -24.95 21.15
CA ASP A 393 10.14 -24.60 20.33
C ASP A 393 9.71 -23.68 19.20
N PRO A 394 10.22 -22.44 19.14
CA PRO A 394 9.73 -21.49 18.13
C PRO A 394 9.92 -21.95 16.70
N ALA A 395 11.08 -22.55 16.37
CA ALA A 395 11.33 -22.95 14.98
C ALA A 395 10.36 -24.04 14.54
N ARG A 396 10.06 -24.99 15.44
CA ARG A 396 9.09 -26.03 15.11
C ARG A 396 7.68 -25.46 14.96
N LEU A 397 7.33 -24.48 15.79
CA LEU A 397 6.03 -23.85 15.68
C LEU A 397 5.91 -23.06 14.38
N ARG A 398 7.00 -22.43 13.94
CA ARG A 398 6.99 -21.71 12.68
C ARG A 398 6.74 -22.67 11.52
N GLU A 399 7.45 -23.79 11.49
CA GLU A 399 7.23 -24.79 10.44
C GLU A 399 5.86 -25.42 10.56
N ALA A 400 5.34 -25.58 11.78
CA ALA A 400 4.04 -26.20 11.96
C ALA A 400 2.92 -25.35 11.37
N LEU A 401 2.94 -24.04 11.66
CA LEU A 401 1.92 -23.16 11.11
C LEU A 401 2.02 -23.07 9.60
N SER A 402 3.25 -23.12 9.06
CA SER A 402 3.40 -23.19 7.61
C SER A 402 2.76 -24.45 7.05
N ASP A 403 2.91 -25.58 7.75
CA ASP A 403 2.28 -26.81 7.31
C ASP A 403 0.77 -26.74 7.44
N VAL A 404 0.26 -26.08 8.48
CA VAL A 404 -1.18 -25.93 8.65
C VAL A 404 -1.80 -25.23 7.45
N VAL A 405 -1.24 -24.09 7.07
CA VAL A 405 -1.78 -23.32 5.96
C VAL A 405 -1.57 -24.05 4.64
N GLY A 406 -0.40 -24.66 4.47
CA GLY A 406 -0.11 -25.34 3.21
C GLY A 406 -0.96 -26.58 3.00
N ASP A 407 -1.06 -27.41 4.03
CA ASP A 407 -1.87 -28.63 3.91
C ASP A 407 -3.34 -28.31 3.73
N HIS A 408 -3.86 -27.36 4.52
CA HIS A 408 -5.28 -27.04 4.47
C HIS A 408 -5.68 -26.46 3.13
N ASN A 409 -4.84 -25.62 2.54
CA ASN A 409 -5.20 -24.88 1.34
C ASN A 409 -4.72 -25.53 0.05
N VAL A 410 -3.60 -26.24 0.05
CA VAL A 410 -3.01 -26.71 -1.20
C VAL A 410 -2.81 -28.22 -1.21
N VAL A 411 -1.96 -28.72 -0.31
CA VAL A 411 -1.46 -30.09 -0.44
C VAL A 411 -2.59 -31.10 -0.35
N CYS A 412 -3.46 -30.94 0.65
CA CYS A 412 -4.51 -31.93 0.86
C CYS A 412 -5.66 -31.79 -0.13
N PRO A 413 -6.06 -30.58 -0.53
CA PRO A 413 -6.99 -30.50 -1.67
C PRO A 413 -6.43 -31.10 -2.94
N VAL A 414 -5.12 -30.95 -3.19
CA VAL A 414 -4.51 -31.55 -4.37
C VAL A 414 -4.45 -33.07 -4.23
N ALA A 415 -4.06 -33.56 -3.06
CA ALA A 415 -4.00 -35.01 -2.85
C ALA A 415 -5.38 -35.65 -2.97
N GLN A 416 -6.41 -34.97 -2.44
CA GLN A 416 -7.77 -35.47 -2.59
C GLN A 416 -8.17 -35.57 -4.06
N LEU A 417 -7.86 -34.55 -4.85
CA LEU A 417 -8.19 -34.56 -6.26
C LEU A 417 -7.43 -35.64 -7.01
N ALA A 418 -6.12 -35.76 -6.74
CA ALA A 418 -5.31 -36.73 -7.47
C ALA A 418 -5.77 -38.16 -7.21
N GLY A 419 -6.21 -38.44 -5.97
CA GLY A 419 -6.68 -39.77 -5.66
C GLY A 419 -8.00 -40.11 -6.36
N ARG A 420 -8.96 -39.19 -6.31
CA ARG A 420 -10.24 -39.41 -6.98
C ARG A 420 -10.07 -39.49 -8.49
N LEU A 421 -9.14 -38.70 -9.05
CA LEU A 421 -8.89 -38.73 -10.48
C LEU A 421 -8.36 -40.10 -10.91
N ALA A 422 -7.31 -40.58 -10.24
CA ALA A 422 -6.68 -41.83 -10.64
C ALA A 422 -7.63 -43.01 -10.43
N ALA A 423 -8.39 -43.01 -9.34
CA ALA A 423 -9.28 -44.12 -9.05
C ALA A 423 -10.53 -44.14 -9.92
N GLN A 424 -10.76 -43.10 -10.72
CA GLN A 424 -11.98 -42.99 -11.52
C GLN A 424 -11.68 -42.83 -13.01
N GLY A 425 -10.54 -43.35 -13.47
CA GLY A 425 -10.25 -43.48 -14.88
C GLY A 425 -9.08 -42.65 -15.38
N ALA A 426 -8.70 -41.59 -14.68
CA ALA A 426 -7.64 -40.72 -15.15
C ALA A 426 -6.26 -41.31 -14.85
N ARG A 427 -5.34 -41.09 -15.77
CA ARG A 427 -3.93 -41.38 -15.54
C ARG A 427 -3.27 -40.14 -14.93
N VAL A 428 -2.69 -40.30 -13.75
CA VAL A 428 -2.23 -39.17 -12.94
C VAL A 428 -0.75 -39.34 -12.63
N TYR A 429 -0.02 -38.22 -12.71
CA TYR A 429 1.36 -38.15 -12.26
C TYR A 429 1.49 -37.03 -11.22
N ALA A 430 2.27 -37.29 -10.17
CA ALA A 430 2.38 -36.35 -9.06
C ALA A 430 3.85 -36.03 -8.79
N TYR A 431 4.09 -34.82 -8.32
CA TYR A 431 5.44 -34.37 -8.00
C TYR A 431 5.42 -33.49 -6.76
N VAL A 432 6.61 -33.32 -6.17
CA VAL A 432 6.84 -32.33 -5.13
C VAL A 432 8.13 -31.59 -5.49
N PHE A 433 8.02 -30.28 -5.67
CA PHE A 433 9.14 -29.44 -6.08
C PHE A 433 9.93 -29.03 -4.85
N GLU A 434 11.21 -29.41 -4.80
CA GLU A 434 12.01 -29.28 -3.58
C GLU A 434 13.29 -28.48 -3.78
N HIS A 435 13.44 -27.76 -4.89
CA HIS A 435 14.62 -26.94 -5.12
C HIS A 435 14.31 -25.48 -4.85
N ARG A 436 15.11 -24.85 -4.00
CA ARG A 436 15.01 -23.43 -3.72
C ARG A 436 15.98 -22.69 -4.63
N ALA A 437 15.45 -21.75 -5.41
CA ALA A 437 16.27 -21.01 -6.37
C ALA A 437 17.40 -20.29 -5.65
N SER A 438 18.59 -20.31 -6.27
CA SER A 438 19.75 -19.64 -5.70
C SER A 438 19.57 -18.13 -5.63
N THR A 439 18.66 -17.58 -6.42
CA THR A 439 18.42 -16.15 -6.48
C THR A 439 17.17 -15.73 -5.69
N LEU A 440 16.63 -16.62 -4.87
CA LEU A 440 15.38 -16.34 -4.18
C LEU A 440 15.57 -15.24 -3.15
N SER A 441 14.73 -14.20 -3.23
CA SER A 441 14.85 -13.03 -2.37
C SER A 441 14.08 -13.16 -1.07
N TRP A 442 13.14 -14.11 -0.97
CA TRP A 442 12.44 -14.36 0.27
C TRP A 442 13.42 -14.97 1.29
N PRO A 443 13.11 -14.84 2.58
CA PRO A 443 14.04 -15.34 3.61
C PRO A 443 14.21 -16.85 3.53
N LEU A 444 15.30 -17.33 4.13
CA LEU A 444 15.65 -18.74 4.06
C LEU A 444 14.61 -19.61 4.75
N TRP A 445 14.01 -19.11 5.84
CA TRP A 445 13.09 -19.94 6.62
C TRP A 445 11.82 -20.27 5.84
N MET A 446 11.53 -19.55 4.75
CA MET A 446 10.37 -19.88 3.93
C MET A 446 10.61 -21.10 3.06
N GLY A 447 11.86 -21.54 2.89
CA GLY A 447 12.13 -22.74 2.13
C GLY A 447 11.83 -22.55 0.66
N VAL A 448 11.01 -23.43 0.10
CA VAL A 448 10.57 -23.35 -1.29
C VAL A 448 9.14 -22.82 -1.29
N PRO A 449 8.95 -21.51 -1.42
CA PRO A 449 7.62 -20.93 -1.21
C PRO A 449 6.68 -21.19 -2.37
N HIS A 450 5.40 -20.93 -2.11
CA HIS A 450 4.34 -21.07 -3.09
C HIS A 450 4.62 -20.22 -4.32
N GLY A 451 4.69 -20.87 -5.48
CA GLY A 451 4.82 -20.19 -6.75
C GLY A 451 6.21 -20.10 -7.33
N TYR A 452 7.22 -20.65 -6.65
CA TYR A 452 8.60 -20.49 -7.09
C TYR A 452 9.17 -21.74 -7.76
N GLU A 453 8.28 -22.55 -8.35
CA GLU A 453 8.67 -23.52 -9.36
C GLU A 453 8.40 -23.03 -10.77
N ILE A 454 7.63 -21.93 -10.90
CA ILE A 454 7.20 -21.45 -12.21
C ILE A 454 8.40 -21.04 -13.05
N GLU A 455 9.34 -20.31 -12.43
CA GLU A 455 10.49 -19.81 -13.18
C GLU A 455 11.33 -20.94 -13.75
N PHE A 456 11.32 -22.11 -13.12
CA PHE A 456 12.05 -23.24 -13.67
C PHE A 456 11.26 -23.98 -14.74
N ILE A 457 9.92 -23.98 -14.63
CA ILE A 457 9.10 -24.60 -15.66
C ILE A 457 9.21 -23.83 -16.97
N PHE A 458 9.31 -22.50 -16.88
CA PHE A 458 9.37 -21.65 -18.06
C PHE A 458 10.80 -21.42 -18.55
N GLY A 459 11.79 -22.10 -17.97
CA GLY A 459 13.16 -21.98 -18.44
C GLY A 459 13.80 -20.63 -18.18
N ILE A 460 13.31 -19.89 -17.18
CA ILE A 460 13.88 -18.58 -16.89
C ILE A 460 15.38 -18.65 -16.58
N PRO A 461 15.91 -19.71 -15.89
CA PRO A 461 17.36 -19.75 -15.67
C PRO A 461 18.22 -19.62 -16.92
N LEU A 462 17.65 -19.92 -18.09
CA LEU A 462 18.40 -19.79 -19.34
C LEU A 462 18.60 -18.35 -19.77
N ASP A 463 17.87 -17.40 -19.18
CA ASP A 463 18.05 -15.99 -19.50
C ASP A 463 19.47 -15.56 -19.17
N PRO A 464 20.27 -15.12 -20.14
CA PRO A 464 21.67 -14.78 -19.86
C PRO A 464 21.81 -13.56 -18.96
N SER A 465 20.80 -12.70 -18.86
CA SER A 465 20.87 -11.52 -18.01
C SER A 465 20.63 -11.83 -16.54
N ARG A 466 20.40 -13.09 -16.18
CA ARG A 466 20.13 -13.48 -14.81
C ARG A 466 21.26 -14.35 -14.28
N ASN A 467 21.32 -14.46 -12.95
CA ASN A 467 22.47 -15.08 -12.29
C ASN A 467 22.13 -16.44 -11.70
N TYR A 468 21.51 -17.31 -12.48
CA TYR A 468 21.31 -18.68 -12.04
C TYR A 468 22.59 -19.49 -12.21
N THR A 469 22.67 -20.60 -11.49
CA THR A 469 23.85 -21.46 -11.58
C THR A 469 23.76 -22.38 -12.80
N ALA A 470 24.86 -23.06 -13.08
CA ALA A 470 24.91 -23.95 -14.24
C ALA A 470 23.98 -25.14 -14.08
N GLU A 471 23.91 -25.70 -12.87
CA GLU A 471 23.05 -26.86 -12.65
C GLU A 471 21.58 -26.47 -12.67
N GLU A 472 21.25 -25.25 -12.25
CA GLU A 472 19.87 -24.79 -12.32
C GLU A 472 19.42 -24.65 -13.77
N LYS A 473 20.34 -24.35 -14.68
CA LYS A 473 20.01 -24.34 -16.10
C LYS A 473 19.72 -25.74 -16.61
N ILE A 474 20.56 -26.72 -16.23
CA ILE A 474 20.29 -28.11 -16.59
C ILE A 474 18.99 -28.58 -15.94
N PHE A 475 18.76 -28.21 -14.69
CA PHE A 475 17.54 -28.58 -14.00
C PHE A 475 16.31 -28.01 -14.70
N ALA A 476 16.40 -26.77 -15.17
CA ALA A 476 15.26 -26.17 -15.87
C ALA A 476 14.98 -26.89 -17.18
N GLN A 477 16.03 -27.27 -17.91
CA GLN A 477 15.84 -28.00 -19.16
C GLN A 477 15.20 -29.35 -18.92
N ARG A 478 15.60 -30.03 -17.84
CA ARG A 478 14.99 -31.32 -17.49
C ARG A 478 13.51 -31.14 -17.17
N LEU A 479 13.15 -30.05 -16.49
CA LEU A 479 11.76 -29.80 -16.16
C LEU A 479 10.94 -29.47 -17.40
N MET A 480 11.46 -28.63 -18.28
CA MET A 480 10.76 -28.32 -19.52
C MET A 480 10.54 -29.57 -20.36
N ARG A 481 11.50 -30.51 -20.32
CA ARG A 481 11.33 -31.78 -21.00
C ARG A 481 10.15 -32.55 -20.43
N TYR A 482 10.04 -32.60 -19.10
CA TYR A 482 8.93 -33.30 -18.46
C TYR A 482 7.59 -32.72 -18.91
N TRP A 483 7.44 -31.40 -18.78
CA TRP A 483 6.17 -30.76 -19.13
C TRP A 483 5.86 -30.94 -20.61
N ALA A 484 6.86 -30.85 -21.47
CA ALA A 484 6.63 -31.00 -22.91
C ALA A 484 6.29 -32.44 -23.27
N ASN A 485 7.01 -33.40 -22.69
CA ASN A 485 6.69 -34.82 -22.92
C ASN A 485 5.25 -35.12 -22.51
N PHE A 486 4.80 -34.55 -21.39
CA PHE A 486 3.42 -34.74 -20.97
C PHE A 486 2.45 -34.09 -21.96
N ALA A 487 2.82 -32.94 -22.52
CA ALA A 487 1.95 -32.28 -23.49
C ALA A 487 1.85 -33.08 -24.78
N ARG A 488 2.95 -33.71 -25.21
CA ARG A 488 2.95 -34.46 -26.45
C ARG A 488 2.27 -35.82 -26.29
N THR A 489 2.68 -36.59 -25.28
CA THR A 489 2.26 -37.99 -25.18
C THR A 489 1.39 -38.28 -23.96
N GLY A 490 1.23 -37.33 -23.03
CA GLY A 490 0.55 -37.62 -21.79
C GLY A 490 1.37 -38.36 -20.77
N ASP A 491 2.69 -38.40 -20.95
CA ASP A 491 3.61 -39.13 -20.10
C ASP A 491 4.89 -38.32 -19.94
N PRO A 492 5.23 -37.88 -18.73
CA PRO A 492 6.44 -37.06 -18.56
C PRO A 492 7.74 -37.80 -18.85
N ASN A 493 7.73 -39.13 -18.82
CA ASN A 493 8.94 -39.88 -19.07
C ASN A 493 9.33 -39.81 -20.55
N GLU A 494 10.62 -39.90 -20.80
CA GLU A 494 11.12 -39.89 -22.18
C GLU A 494 10.52 -41.07 -22.93
N PRO A 495 9.99 -40.85 -24.14
CA PRO A 495 9.29 -41.94 -24.84
C PRO A 495 10.11 -43.20 -25.07
N ARG A 496 11.44 -43.11 -25.01
CA ARG A 496 12.28 -44.30 -25.12
C ARG A 496 13.44 -44.38 -24.14
N ASP A 497 14.05 -43.24 -23.74
CA ASP A 497 15.24 -43.20 -22.90
C ASP A 497 15.08 -44.06 -21.66
N PRO A 498 15.82 -45.16 -21.57
CA PRO A 498 15.77 -46.01 -20.37
C PRO A 498 16.80 -45.64 -19.30
N LYS A 499 17.75 -44.75 -19.63
CA LYS A 499 18.79 -44.40 -18.68
C LYS A 499 18.24 -43.57 -17.53
N ALA A 500 17.41 -42.57 -17.85
CA ALA A 500 16.88 -41.69 -16.82
C ALA A 500 15.92 -42.45 -15.92
N PRO A 501 15.90 -42.16 -14.62
CA PRO A 501 14.94 -42.82 -13.72
C PRO A 501 13.51 -42.54 -14.14
N GLN A 502 12.64 -43.51 -13.88
CA GLN A 502 11.27 -43.45 -14.37
C GLN A 502 10.36 -42.75 -13.36
N TRP A 503 9.31 -42.12 -13.90
CA TRP A 503 8.31 -41.41 -13.12
C TRP A 503 7.03 -42.24 -13.12
N PRO A 504 6.72 -42.94 -12.03
CA PRO A 504 5.56 -43.83 -12.03
C PRO A 504 4.26 -43.06 -11.85
N PRO A 505 3.16 -43.53 -12.44
CA PRO A 505 1.88 -42.86 -12.24
C PRO A 505 1.44 -42.87 -10.79
N TYR A 506 0.57 -41.92 -10.46
CA TYR A 506 0.00 -41.80 -9.12
C TYR A 506 -1.28 -42.61 -9.05
N THR A 507 -1.38 -43.48 -8.05
CA THR A 507 -2.56 -44.30 -7.83
C THR A 507 -3.10 -44.07 -6.44
N ALA A 508 -4.41 -44.29 -6.28
CA ALA A 508 -5.05 -44.09 -4.99
C ALA A 508 -4.54 -45.06 -3.93
N GLY A 509 -3.89 -46.15 -4.34
CA GLY A 509 -3.35 -47.12 -3.40
C GLY A 509 -1.89 -46.89 -3.08
N ALA A 510 -1.04 -46.92 -4.12
CA ALA A 510 0.39 -46.76 -3.90
C ALA A 510 0.76 -45.31 -3.62
N GLN A 511 0.06 -44.35 -4.23
CA GLN A 511 0.25 -42.92 -3.98
C GLN A 511 1.70 -42.50 -4.23
N GLN A 512 2.25 -42.94 -5.36
CA GLN A 512 3.63 -42.65 -5.68
C GLN A 512 3.76 -41.28 -6.33
N TYR A 513 4.87 -40.61 -6.01
CA TYR A 513 5.19 -39.32 -6.62
C TYR A 513 6.71 -39.20 -6.66
N VAL A 514 7.19 -38.15 -7.33
CA VAL A 514 8.62 -37.93 -7.47
C VAL A 514 8.98 -36.56 -6.90
N SER A 515 10.22 -36.43 -6.46
CA SER A 515 10.76 -35.17 -5.97
C SER A 515 11.57 -34.53 -7.10
N LEU A 516 11.26 -33.26 -7.38
CA LEU A 516 11.93 -32.51 -8.44
C LEU A 516 12.95 -31.57 -7.79
N ASP A 517 14.23 -31.89 -7.97
CA ASP A 517 15.32 -31.04 -7.49
C ASP A 517 16.55 -31.32 -8.35
N LEU A 518 17.71 -30.86 -7.89
CA LEU A 518 18.93 -31.05 -8.66
C LEU A 518 19.33 -32.52 -8.73
N ARG A 519 18.94 -33.32 -7.74
CA ARG A 519 19.21 -34.75 -7.77
C ARG A 519 18.32 -35.44 -8.79
N PRO A 520 18.72 -36.62 -9.25
CA PRO A 520 17.83 -37.41 -10.13
C PRO A 520 16.52 -37.73 -9.43
N LEU A 521 15.55 -38.18 -10.23
CA LEU A 521 14.23 -38.47 -9.72
C LEU A 521 14.29 -39.50 -8.60
N GLU A 522 13.51 -39.26 -7.54
CA GLU A 522 13.38 -40.17 -6.42
C GLU A 522 11.90 -40.42 -6.19
N VAL A 523 11.52 -41.68 -6.12
CA VAL A 523 10.12 -42.07 -5.95
C VAL A 523 9.80 -42.13 -4.47
N ARG A 524 8.73 -41.45 -4.06
CA ARG A 524 8.24 -41.48 -2.69
C ARG A 524 6.76 -41.82 -2.72
N ARG A 525 6.19 -42.01 -1.52
CA ARG A 525 4.82 -42.50 -1.39
C ARG A 525 4.07 -41.66 -0.38
N GLY A 526 2.86 -41.24 -0.75
CA GLY A 526 2.01 -40.49 0.15
C GLY A 526 2.29 -39.00 0.16
N LEU A 527 1.33 -38.21 -0.34
CA LEU A 527 1.42 -36.75 -0.29
C LEU A 527 0.89 -36.29 1.06
N ARG A 528 1.72 -36.47 2.09
CA ARG A 528 1.36 -36.18 3.48
C ARG A 528 0.06 -36.88 3.85
N ALA A 529 0.11 -38.22 3.75
CA ALA A 529 -1.09 -39.03 3.90
C ALA A 529 -1.69 -38.90 5.30
N GLN A 530 -0.86 -38.84 6.33
CA GLN A 530 -1.37 -38.74 7.69
C GLN A 530 -2.03 -37.39 7.94
N ALA A 531 -1.39 -36.30 7.49
CA ALA A 531 -1.94 -34.97 7.71
C ALA A 531 -3.20 -34.76 6.89
N CYS A 532 -3.23 -35.28 5.65
CA CYS A 532 -4.38 -35.07 4.79
C CYS A 532 -5.57 -35.94 5.16
N ALA A 533 -5.34 -37.07 5.85
CA ALA A 533 -6.45 -37.83 6.39
C ALA A 533 -7.18 -37.03 7.46
N PHE A 534 -6.47 -36.16 8.18
CA PHE A 534 -7.12 -35.28 9.15
C PHE A 534 -7.99 -34.25 8.45
N TRP A 535 -7.46 -33.62 7.40
CA TRP A 535 -8.20 -32.57 6.70
C TRP A 535 -9.34 -33.15 5.87
N ASN A 536 -9.09 -34.26 5.18
CA ASN A 536 -10.05 -34.77 4.21
C ASN A 536 -11.06 -35.74 4.80
N ARG A 537 -10.72 -36.42 5.89
CA ARG A 537 -11.60 -37.45 6.45
C ARG A 537 -12.20 -37.05 7.78
N PHE A 538 -11.37 -36.69 8.77
CA PHE A 538 -11.89 -36.50 10.12
C PHE A 538 -12.50 -35.12 10.32
N LEU A 539 -11.79 -34.07 9.92
CA LEU A 539 -12.25 -32.71 10.20
C LEU A 539 -13.64 -32.41 9.63
N PRO A 540 -14.01 -32.84 8.42
CA PRO A 540 -15.40 -32.60 7.99
C PRO A 540 -16.43 -33.23 8.91
N LYS A 541 -16.12 -34.41 9.48
CA LYS A 541 -17.04 -35.02 10.45
C LYS A 541 -17.04 -34.25 11.76
N LEU A 542 -15.95 -33.57 12.09
CA LEU A 542 -15.88 -32.84 13.35
C LEU A 542 -16.79 -31.63 13.36
N LEU A 543 -17.04 -31.03 12.19
CA LEU A 543 -17.89 -29.85 12.10
C LEU A 543 -19.36 -30.19 11.92
N SER A 544 -19.67 -31.37 11.35
CA SER A 544 -21.05 -31.79 11.23
C SER A 544 -21.70 -31.92 12.60
N ALA A 545 -21.03 -32.61 13.51
CA ALA A 545 -21.40 -32.60 14.93
C ALA A 545 -20.66 -31.43 15.56
N THR A 546 -21.29 -30.26 15.52
CA THR A 546 -20.65 -29.00 15.93
C THR A 546 -20.12 -29.04 17.36
N GLU B 7 22.33 37.05 -19.74
CA GLU B 7 22.57 36.29 -18.52
C GLU B 7 22.09 37.03 -17.29
N ASP B 8 21.09 36.46 -16.61
CA ASP B 8 20.55 37.06 -15.40
C ASP B 8 21.53 36.83 -14.26
N ALA B 9 22.12 37.92 -13.75
CA ALA B 9 23.07 37.80 -12.65
C ALA B 9 22.39 37.53 -11.32
N GLU B 10 21.09 37.77 -11.22
CA GLU B 10 20.37 37.56 -9.96
C GLU B 10 20.17 36.08 -9.66
N LEU B 11 20.39 35.19 -10.62
CA LEU B 11 20.32 33.75 -10.38
C LEU B 11 21.64 33.18 -9.90
N LEU B 12 22.63 34.03 -9.62
CA LEU B 12 23.93 33.60 -9.10
C LEU B 12 24.13 34.24 -7.74
N VAL B 13 24.35 33.41 -6.71
CA VAL B 13 24.49 33.86 -5.33
C VAL B 13 25.61 33.07 -4.67
N THR B 14 26.39 33.74 -3.82
CA THR B 14 27.42 33.11 -3.03
C THR B 14 26.99 33.06 -1.57
N VAL B 15 27.12 31.89 -0.95
CA VAL B 15 26.87 31.73 0.47
C VAL B 15 28.16 31.27 1.14
N ARG B 16 28.12 31.06 2.46
CA ARG B 16 29.34 30.72 3.19
C ARG B 16 29.97 29.42 2.70
N GLY B 17 29.16 28.52 2.13
CA GLY B 17 29.66 27.23 1.69
C GLY B 17 30.21 27.26 0.28
N GLY B 18 29.70 28.16 -0.55
CA GLY B 18 30.15 28.23 -1.93
C GLY B 18 29.12 28.97 -2.78
N ARG B 19 29.26 28.80 -4.08
CA ARG B 19 28.42 29.49 -5.05
C ARG B 19 27.26 28.61 -5.51
N LEU B 20 26.15 29.25 -5.85
CA LEU B 20 24.93 28.58 -6.25
C LEU B 20 24.39 29.20 -7.53
N ARG B 21 23.62 28.41 -8.27
CA ARG B 21 22.89 28.89 -9.44
C ARG B 21 21.42 28.58 -9.27
N GLY B 22 20.59 29.62 -9.25
CA GLY B 22 19.16 29.46 -9.08
C GLY B 22 18.43 29.39 -10.41
N ILE B 23 17.11 29.53 -10.32
CA ILE B 23 16.23 29.43 -11.49
C ILE B 23 15.12 30.46 -11.33
N ARG B 24 14.69 31.03 -12.46
CA ARG B 24 13.59 31.98 -12.48
C ARG B 24 12.27 31.23 -12.64
N LEU B 25 11.32 31.52 -11.75
CA LEU B 25 10.00 30.93 -11.79
C LEU B 25 8.98 31.99 -12.23
N LYS B 26 8.03 31.57 -13.06
CA LYS B 26 7.02 32.48 -13.57
C LYS B 26 5.75 32.42 -12.73
N THR B 27 5.15 33.59 -12.53
CA THR B 27 3.82 33.74 -11.95
C THR B 27 3.04 34.71 -12.83
N PRO B 28 1.71 34.70 -12.75
CA PRO B 28 0.93 35.69 -13.52
C PRO B 28 1.27 37.13 -13.18
N GLY B 29 1.90 37.40 -12.03
CA GLY B 29 2.18 38.76 -11.63
C GLY B 29 3.63 39.16 -11.83
N GLY B 30 4.48 38.21 -12.22
CA GLY B 30 5.87 38.49 -12.46
C GLY B 30 6.78 37.36 -12.03
N PRO B 31 8.05 37.43 -12.41
CA PRO B 31 8.99 36.37 -12.06
C PRO B 31 9.47 36.46 -10.62
N VAL B 32 9.97 35.33 -10.12
CA VAL B 32 10.67 35.26 -8.85
C VAL B 32 11.90 34.40 -9.04
N SER B 33 12.88 34.59 -8.15
CA SER B 33 14.14 33.85 -8.20
C SER B 33 14.12 32.78 -7.12
N ALA B 34 14.35 31.53 -7.52
CA ALA B 34 14.31 30.38 -6.63
C ALA B 34 15.66 29.70 -6.60
N PHE B 35 16.04 29.20 -5.43
CA PHE B 35 17.29 28.46 -5.23
C PHE B 35 16.90 27.17 -4.51
N LEU B 36 16.69 26.11 -5.29
CA LEU B 36 16.10 24.87 -4.80
C LEU B 36 17.18 23.80 -4.65
N GLY B 37 17.24 23.19 -3.47
CA GLY B 37 18.17 22.10 -3.24
C GLY B 37 19.52 22.50 -2.69
N ILE B 38 19.56 23.53 -1.85
CA ILE B 38 20.81 23.97 -1.23
C ILE B 38 21.16 23.01 -0.11
N PRO B 39 22.33 22.36 -0.15
CA PRO B 39 22.72 21.49 0.96
C PRO B 39 23.11 22.29 2.19
N PHE B 40 22.47 21.97 3.32
CA PHE B 40 22.80 22.62 4.58
C PHE B 40 23.41 21.68 5.60
N ALA B 41 23.53 20.39 5.28
CA ALA B 41 24.14 19.44 6.18
C ALA B 41 24.86 18.36 5.36
N GLU B 42 25.80 17.69 6.01
CA GLU B 42 26.39 16.50 5.43
C GLU B 42 25.33 15.41 5.33
N PRO B 43 25.38 14.59 4.28
CA PRO B 43 24.40 13.51 4.13
C PRO B 43 24.43 12.57 5.33
N PRO B 44 23.27 12.46 6.10
CA PRO B 44 23.23 11.60 7.29
C PRO B 44 23.09 10.13 6.93
N MET B 45 24.13 9.60 6.29
CA MET B 45 24.14 8.23 5.80
C MET B 45 25.21 7.41 6.51
N GLY B 46 25.12 6.10 6.37
CA GLY B 46 26.08 5.19 6.93
C GLY B 46 26.15 5.27 8.44
N PRO B 47 27.35 5.51 8.98
CA PRO B 47 27.50 5.64 10.44
C PRO B 47 26.80 6.88 11.00
N ARG B 48 26.35 7.81 10.15
CA ARG B 48 25.67 9.01 10.60
C ARG B 48 24.16 8.84 10.71
N ARG B 49 23.63 7.66 10.37
CA ARG B 49 22.21 7.42 10.55
C ARG B 49 21.85 7.47 12.03
N PHE B 50 20.75 8.16 12.34
CA PHE B 50 20.22 8.42 13.68
C PHE B 50 21.05 9.43 14.47
N LEU B 51 22.08 10.02 13.88
CA LEU B 51 22.92 10.98 14.57
C LEU B 51 22.50 12.40 14.26
N PRO B 52 22.81 13.36 15.14
CA PRO B 52 22.48 14.74 14.86
C PRO B 52 23.17 15.22 13.61
N PRO B 53 22.61 16.21 12.91
CA PRO B 53 23.23 16.68 11.68
C PRO B 53 24.50 17.46 11.97
N GLU B 54 25.38 17.48 10.97
CA GLU B 54 26.57 18.31 11.02
C GLU B 54 26.59 19.23 9.80
N PRO B 55 27.13 20.44 9.94
CA PRO B 55 27.04 21.42 8.87
C PRO B 55 27.68 20.94 7.58
N LYS B 56 27.10 21.37 6.46
CA LYS B 56 27.65 21.04 5.16
C LYS B 56 28.98 21.74 4.95
N GLN B 57 30.01 20.98 4.61
CA GLN B 57 31.33 21.54 4.41
C GLN B 57 31.36 22.34 3.11
N PRO B 58 32.22 23.36 3.03
CA PRO B 58 32.25 24.22 1.84
C PRO B 58 32.59 23.43 0.58
N TRP B 59 32.08 23.91 -0.54
CA TRP B 59 32.23 23.23 -1.82
C TRP B 59 32.86 24.17 -2.84
N SER B 60 33.54 23.56 -3.82
CA SER B 60 34.10 24.29 -4.95
C SER B 60 33.11 24.31 -6.11
N GLY B 61 33.30 25.28 -6.99
CA GLY B 61 32.44 25.43 -8.15
C GLY B 61 31.05 25.92 -7.78
N VAL B 62 30.14 25.75 -8.74
CA VAL B 62 28.76 26.22 -8.62
C VAL B 62 27.86 25.01 -8.42
N VAL B 63 27.19 24.96 -7.27
CA VAL B 63 26.17 23.95 -7.03
C VAL B 63 24.91 24.34 -7.76
N ASP B 64 24.35 23.40 -8.52
CA ASP B 64 23.11 23.66 -9.25
C ASP B 64 21.94 23.68 -8.27
N ALA B 65 21.24 24.81 -8.20
CA ALA B 65 20.07 24.93 -7.34
C ALA B 65 18.83 25.23 -8.16
N THR B 66 18.60 24.46 -9.22
CA THR B 66 17.50 24.71 -10.14
C THR B 66 16.34 23.73 -9.96
N THR B 67 16.48 22.72 -9.11
CA THR B 67 15.40 21.76 -8.91
C THR B 67 15.48 21.23 -7.48
N PHE B 68 14.35 20.72 -7.00
CA PHE B 68 14.28 20.15 -5.66
C PHE B 68 15.13 18.89 -5.57
N GLN B 69 15.69 18.67 -4.39
CA GLN B 69 16.52 17.49 -4.14
C GLN B 69 15.65 16.32 -3.67
N SER B 70 16.29 15.28 -3.16
CA SER B 70 15.59 14.06 -2.82
C SER B 70 14.74 14.22 -1.56
N VAL B 71 13.68 13.43 -1.49
CA VAL B 71 12.81 13.36 -0.33
C VAL B 71 13.40 12.37 0.67
N CYS B 72 13.32 12.71 1.96
CA CYS B 72 13.80 11.80 2.99
C CYS B 72 12.97 10.53 2.98
N TYR B 73 13.63 9.40 3.28
CA TYR B 73 12.96 8.11 3.27
C TYR B 73 11.75 8.11 4.20
N GLN B 74 10.61 7.66 3.68
CA GLN B 74 9.37 7.75 4.42
C GLN B 74 8.37 6.76 3.83
N TYR B 75 7.36 6.45 4.64
CA TYR B 75 6.24 5.64 4.18
C TYR B 75 5.45 6.39 3.12
N VAL B 76 4.98 5.65 2.11
CA VAL B 76 4.19 6.21 1.01
C VAL B 76 2.76 5.72 1.16
N ASP B 77 1.81 6.65 1.18
CA ASP B 77 0.41 6.31 1.35
C ASP B 77 -0.11 5.62 0.09
N THR B 78 -0.64 4.41 0.25
CA THR B 78 -1.27 3.67 -0.83
C THR B 78 -2.70 3.27 -0.50
N LEU B 79 -3.34 3.99 0.43
CA LEU B 79 -4.72 3.69 0.79
C LEU B 79 -5.67 3.88 -0.38
N TYR B 80 -5.39 4.86 -1.25
CA TYR B 80 -6.22 5.13 -2.42
C TYR B 80 -5.30 5.45 -3.60
N PRO B 81 -4.85 4.42 -4.32
CA PRO B 81 -3.96 4.67 -5.46
C PRO B 81 -4.60 5.57 -6.51
N GLY B 82 -3.81 6.53 -6.99
CA GLY B 82 -4.26 7.46 -8.01
C GLY B 82 -5.16 8.58 -7.52
N PHE B 83 -5.50 8.60 -6.23
CA PHE B 83 -6.42 9.60 -5.68
C PHE B 83 -5.66 10.88 -5.35
N GLU B 84 -6.13 12.00 -5.90
CA GLU B 84 -5.45 13.28 -5.70
C GLU B 84 -5.39 13.66 -4.23
N GLY B 85 -6.43 13.35 -3.46
CA GLY B 85 -6.48 13.77 -2.07
C GLY B 85 -5.35 13.21 -1.23
N THR B 86 -4.85 12.03 -1.57
CA THR B 86 -3.74 11.43 -0.85
C THR B 86 -2.40 11.56 -1.58
N GLU B 87 -2.40 11.46 -2.91
CA GLU B 87 -1.16 11.53 -3.66
C GLU B 87 -0.49 12.89 -3.52
N MET B 88 -1.27 13.95 -3.25
CA MET B 88 -0.70 15.29 -3.15
C MET B 88 0.28 15.42 -1.99
N TRP B 89 0.21 14.52 -1.01
CA TRP B 89 1.12 14.52 0.12
C TRP B 89 2.26 13.52 -0.02
N ASN B 90 2.19 12.63 -1.00
CA ASN B 90 3.22 11.62 -1.21
C ASN B 90 4.46 12.24 -1.86
N PRO B 91 5.62 11.60 -1.70
CA PRO B 91 6.85 12.16 -2.28
C PRO B 91 6.75 12.33 -3.79
N ASN B 92 7.21 13.49 -4.27
CA ASN B 92 7.28 13.77 -5.70
C ASN B 92 8.71 13.78 -6.21
N ARG B 93 9.67 13.36 -5.38
CA ARG B 93 11.04 13.11 -5.79
C ARG B 93 11.46 11.75 -5.23
N GLU B 94 12.58 11.23 -5.72
CA GLU B 94 13.03 9.92 -5.28
C GLU B 94 13.46 9.95 -3.82
N LEU B 95 13.30 8.82 -3.15
CA LEU B 95 13.65 8.71 -1.74
C LEU B 95 15.15 8.48 -1.57
N SER B 96 15.72 9.10 -0.54
CA SER B 96 17.12 8.96 -0.23
C SER B 96 17.39 9.46 1.18
N GLU B 97 18.37 8.85 1.84
CA GLU B 97 18.84 9.40 3.11
C GLU B 97 19.64 10.67 2.91
N ASP B 98 20.17 10.89 1.70
CA ASP B 98 20.80 12.14 1.32
C ASP B 98 19.69 13.12 0.94
N CYS B 99 19.12 13.76 1.96
CA CYS B 99 17.94 14.59 1.75
C CYS B 99 17.98 15.93 2.48
N LEU B 100 19.03 16.24 3.22
CA LEU B 100 19.06 17.48 4.03
C LEU B 100 19.43 18.65 3.12
N TYR B 101 18.41 19.15 2.41
CA TYR B 101 18.54 20.30 1.54
C TYR B 101 17.43 21.29 1.85
N LEU B 102 17.68 22.55 1.56
CA LEU B 102 16.69 23.60 1.77
C LEU B 102 16.53 24.41 0.50
N ASN B 103 15.47 25.21 0.48
CA ASN B 103 15.12 26.05 -0.66
C ASN B 103 14.82 27.46 -0.16
N VAL B 104 15.15 28.45 -0.98
CA VAL B 104 14.79 29.84 -0.69
C VAL B 104 14.23 30.46 -1.96
N TRP B 105 13.07 31.11 -1.82
CA TRP B 105 12.48 31.93 -2.87
C TRP B 105 12.70 33.39 -2.51
N THR B 106 13.09 34.19 -3.50
CA THR B 106 13.34 35.60 -3.29
C THR B 106 12.74 36.39 -4.44
N PRO B 107 12.22 37.59 -4.19
CA PRO B 107 11.53 38.34 -5.24
C PRO B 107 12.48 38.80 -6.33
N TYR B 108 11.91 39.07 -7.50
CA TYR B 108 12.65 39.71 -8.57
C TYR B 108 12.04 41.08 -8.88
N PRO B 109 12.89 42.12 -8.89
CA PRO B 109 14.32 42.06 -8.61
C PRO B 109 14.62 41.81 -7.14
N ARG B 110 15.83 41.33 -6.85
CA ARG B 110 16.20 41.02 -5.48
C ARG B 110 16.04 42.26 -4.61
N PRO B 111 15.50 42.13 -3.40
CA PRO B 111 15.35 43.30 -2.53
C PRO B 111 16.69 43.93 -2.20
N THR B 112 16.72 45.26 -2.21
CA THR B 112 17.94 46.00 -1.89
C THR B 112 18.08 46.28 -0.40
N SER B 113 16.96 46.36 0.32
CA SER B 113 16.89 46.49 1.76
C SER B 113 16.47 45.17 2.39
N PRO B 114 16.95 44.88 3.60
CA PRO B 114 16.61 43.60 4.25
C PRO B 114 15.11 43.38 4.36
N THR B 115 14.68 42.18 4.02
CA THR B 115 13.28 41.79 3.94
C THR B 115 12.96 40.70 4.94
N PRO B 116 11.82 40.77 5.63
CA PRO B 116 11.46 39.70 6.58
C PRO B 116 11.38 38.34 5.89
N VAL B 117 11.72 37.31 6.65
CA VAL B 117 11.87 35.95 6.13
C VAL B 117 10.78 35.07 6.71
N LEU B 118 10.13 34.28 5.85
CA LEU B 118 9.20 33.25 6.26
C LEU B 118 9.87 31.90 6.09
N VAL B 119 9.78 31.05 7.12
CA VAL B 119 10.43 29.75 7.11
C VAL B 119 9.36 28.69 7.31
N TRP B 120 9.16 27.85 6.30
CA TRP B 120 8.12 26.84 6.31
C TRP B 120 8.66 25.51 6.81
N ILE B 121 7.94 24.89 7.74
CA ILE B 121 8.22 23.53 8.21
C ILE B 121 7.01 22.68 7.90
N TYR B 122 7.18 21.69 7.04
CA TYR B 122 6.04 20.88 6.61
C TYR B 122 5.62 19.91 7.70
N GLY B 123 4.35 19.49 7.62
CA GLY B 123 3.81 18.48 8.49
C GLY B 123 3.84 17.10 7.86
N GLY B 124 3.15 16.17 8.50
CA GLY B 124 3.13 14.80 8.04
C GLY B 124 3.33 13.80 9.16
N GLY B 125 2.83 14.14 10.35
CA GLY B 125 2.88 13.23 11.48
C GLY B 125 4.26 12.82 11.92
N PHE B 126 5.29 13.56 11.52
CA PHE B 126 6.70 13.25 11.77
C PHE B 126 7.17 11.97 11.07
N TYR B 127 6.34 11.38 10.21
CA TYR B 127 6.72 10.19 9.47
C TYR B 127 6.81 10.42 7.97
N SER B 128 6.33 11.56 7.47
CA SER B 128 6.30 11.81 6.04
C SER B 128 6.44 13.31 5.80
N GLY B 129 6.46 13.70 4.53
CA GLY B 129 6.53 15.09 4.17
C GLY B 129 7.77 15.44 3.36
N ALA B 130 7.68 16.53 2.60
CA ALA B 130 8.80 17.02 1.80
C ALA B 130 8.54 18.47 1.45
N SER B 131 9.63 19.24 1.36
CA SER B 131 9.51 20.64 0.97
C SER B 131 9.24 20.82 -0.51
N SER B 132 9.28 19.75 -1.30
CA SER B 132 9.14 19.81 -2.74
C SER B 132 7.71 19.63 -3.21
N LEU B 133 6.76 19.40 -2.30
CA LEU B 133 5.37 19.18 -2.70
C LEU B 133 4.82 20.41 -3.41
N ASP B 134 3.99 20.16 -4.44
CA ASP B 134 3.45 21.26 -5.23
C ASP B 134 2.66 22.24 -4.38
N VAL B 135 2.02 21.77 -3.31
CA VAL B 135 1.20 22.64 -2.47
C VAL B 135 2.05 23.57 -1.61
N TYR B 136 3.36 23.32 -1.50
CA TYR B 136 4.26 24.21 -0.78
C TYR B 136 5.03 25.13 -1.72
N ASP B 137 4.56 25.32 -2.96
CA ASP B 137 5.23 26.16 -3.94
C ASP B 137 5.19 27.61 -3.47
N GLY B 138 6.35 28.16 -3.15
CA GLY B 138 6.41 29.49 -2.59
C GLY B 138 6.54 30.64 -3.57
N ARG B 139 6.29 30.41 -4.86
CA ARG B 139 6.48 31.47 -5.83
C ARG B 139 5.40 32.53 -5.75
N PHE B 140 4.17 32.16 -5.37
CA PHE B 140 3.08 33.12 -5.35
C PHE B 140 3.12 33.97 -4.08
N LEU B 141 3.51 33.38 -2.96
CA LEU B 141 3.63 34.14 -1.72
C LEU B 141 4.76 35.17 -1.82
N VAL B 142 5.86 34.80 -2.49
CA VAL B 142 7.00 35.71 -2.59
C VAL B 142 6.71 36.81 -3.60
N GLN B 143 6.03 36.49 -4.69
CA GLN B 143 5.73 37.50 -5.70
C GLN B 143 4.74 38.53 -5.18
N ALA B 144 3.64 38.07 -4.58
CA ALA B 144 2.56 38.98 -4.21
C ALA B 144 2.93 39.85 -3.01
N GLU B 145 3.70 39.31 -2.07
CA GLU B 145 4.00 40.00 -0.82
C GLU B 145 5.45 40.42 -0.69
N ARG B 146 6.30 40.06 -1.65
CA ARG B 146 7.70 40.50 -1.71
C ARG B 146 8.44 40.22 -0.41
N THR B 147 8.31 38.98 0.07
CA THR B 147 9.05 38.49 1.22
CA THR B 147 9.05 38.48 1.21
C THR B 147 10.00 37.37 0.78
N VAL B 148 10.88 36.98 1.69
CA VAL B 148 11.81 35.89 1.45
C VAL B 148 11.27 34.64 2.13
N LEU B 149 11.12 33.56 1.37
CA LEU B 149 10.57 32.31 1.89
C LEU B 149 11.63 31.23 1.85
N VAL B 150 11.77 30.51 2.96
CA VAL B 150 12.70 29.40 3.08
C VAL B 150 11.93 28.17 3.53
N SER B 151 12.31 27.00 3.01
CA SER B 151 11.75 25.74 3.46
C SER B 151 12.85 24.68 3.40
N MET B 152 12.82 23.76 4.35
CA MET B 152 13.86 22.75 4.46
C MET B 152 13.25 21.36 4.58
N ASN B 153 14.02 20.37 4.18
CA ASN B 153 13.72 18.97 4.47
C ASN B 153 14.33 18.61 5.81
N TYR B 154 13.62 17.76 6.57
CA TYR B 154 14.15 17.20 7.80
C TYR B 154 13.81 15.72 7.84
N ARG B 155 14.65 14.96 8.53
CA ARG B 155 14.47 13.51 8.60
C ARG B 155 13.20 13.17 9.35
N VAL B 156 12.41 12.26 8.80
CA VAL B 156 11.16 11.82 9.40
C VAL B 156 11.25 10.32 9.69
N GLY B 157 10.23 9.82 10.37
CA GLY B 157 10.18 8.41 10.71
C GLY B 157 11.30 8.03 11.66
N ALA B 158 11.73 6.76 11.54
CA ALA B 158 12.81 6.26 12.40
C ALA B 158 14.11 7.01 12.15
N PHE B 159 14.33 7.48 10.92
CA PHE B 159 15.58 8.15 10.60
C PHE B 159 15.70 9.49 11.34
N GLY B 160 14.57 10.10 11.68
CA GLY B 160 14.61 11.38 12.35
C GLY B 160 14.26 11.33 13.83
N PHE B 161 13.57 10.27 14.26
CA PHE B 161 13.03 10.28 15.62
C PHE B 161 13.07 8.94 16.34
N LEU B 162 13.73 7.92 15.78
CA LEU B 162 14.00 6.73 16.57
C LEU B 162 14.92 7.10 17.71
N ALA B 163 14.60 6.63 18.92
CA ALA B 163 15.33 7.07 20.10
C ALA B 163 15.51 5.92 21.08
N LEU B 164 16.77 5.67 21.45
CA LEU B 164 17.12 4.89 22.62
C LEU B 164 17.64 5.87 23.65
N PRO B 165 16.76 6.44 24.50
CA PRO B 165 17.15 7.59 25.33
C PRO B 165 18.35 7.28 26.22
N GLY B 166 19.22 8.28 26.37
CA GLY B 166 20.44 8.14 27.13
C GLY B 166 21.63 7.69 26.30
N SER B 167 21.39 6.94 25.22
CA SER B 167 22.47 6.43 24.39
C SER B 167 23.05 7.55 23.52
N ARG B 168 24.25 7.29 23.01
CA ARG B 168 24.92 8.22 22.11
C ARG B 168 24.63 7.92 20.64
N GLU B 169 24.42 6.65 20.30
CA GLU B 169 24.25 6.25 18.90
C GLU B 169 22.88 6.62 18.34
N ALA B 170 21.87 6.77 19.20
CA ALA B 170 20.52 7.14 18.76
C ALA B 170 19.87 7.98 19.84
N PRO B 171 20.25 9.26 19.94
CA PRO B 171 19.72 10.10 21.02
C PRO B 171 18.28 10.52 20.82
N GLY B 172 17.80 10.56 19.57
CA GLY B 172 16.45 11.02 19.29
C GLY B 172 16.41 12.50 18.93
N ASN B 173 15.26 12.91 18.41
CA ASN B 173 14.98 14.31 18.07
C ASN B 173 15.92 14.86 17.00
N VAL B 174 16.64 14.00 16.29
CA VAL B 174 17.60 14.50 15.30
C VAL B 174 16.88 15.18 14.14
N GLY B 175 15.62 14.83 13.88
CA GLY B 175 14.86 15.56 12.87
C GLY B 175 14.59 16.99 13.27
N LEU B 176 14.36 17.22 14.57
CA LEU B 176 14.24 18.59 15.06
C LEU B 176 15.56 19.34 14.95
N LEU B 177 16.68 18.63 15.17
CA LEU B 177 17.99 19.27 15.01
C LEU B 177 18.28 19.59 13.55
N ASP B 178 17.73 18.81 12.62
CA ASP B 178 17.82 19.16 11.21
C ASP B 178 17.18 20.52 10.95
N GLN B 179 15.99 20.74 11.51
CA GLN B 179 15.31 22.03 11.34
C GLN B 179 16.12 23.16 11.97
N ARG B 180 16.69 22.92 13.14
CA ARG B 180 17.47 23.96 13.82
C ARG B 180 18.71 24.33 13.02
N LEU B 181 19.42 23.33 12.49
CA LEU B 181 20.57 23.63 11.63
C LEU B 181 20.16 24.47 10.43
N ALA B 182 18.98 24.19 9.87
CA ALA B 182 18.47 25.01 8.77
C ALA B 182 18.15 26.43 9.24
N LEU B 183 17.75 26.59 10.50
CA LEU B 183 17.51 27.93 11.02
C LEU B 183 18.81 28.68 11.24
N GLN B 184 19.84 27.98 11.74
CA GLN B 184 21.17 28.58 11.83
C GLN B 184 21.70 28.94 10.45
N TRP B 185 21.35 28.16 9.42
CA TRP B 185 21.75 28.47 8.05
C TRP B 185 21.10 29.77 7.58
N VAL B 186 19.82 29.98 7.94
CA VAL B 186 19.14 31.20 7.55
C VAL B 186 19.79 32.41 8.21
N GLN B 187 20.22 32.26 9.46
CA GLN B 187 20.88 33.38 10.15
C GLN B 187 22.17 33.77 9.47
N GLU B 188 22.91 32.79 8.95
CA GLU B 188 24.23 33.05 8.38
C GLU B 188 24.21 33.38 6.90
N ASN B 189 23.12 33.08 6.18
CA ASN B 189 23.15 33.20 4.73
C ASN B 189 21.94 33.87 4.09
N VAL B 190 20.84 34.11 4.81
CA VAL B 190 19.66 34.65 4.13
C VAL B 190 19.87 36.10 3.68
N ALA B 191 20.84 36.80 4.26
CA ALA B 191 21.12 38.17 3.81
C ALA B 191 21.61 38.19 2.37
N ALA B 192 22.30 37.13 1.93
CA ALA B 192 22.77 37.06 0.55
C ALA B 192 21.63 37.02 -0.45
N PHE B 193 20.42 36.67 -0.01
CA PHE B 193 19.24 36.66 -0.87
C PHE B 193 18.37 37.89 -0.68
N GLY B 194 18.81 38.86 0.12
CA GLY B 194 18.01 40.02 0.42
C GLY B 194 17.11 39.86 1.63
N GLY B 195 17.37 38.89 2.49
CA GLY B 195 16.52 38.62 3.64
C GLY B 195 17.08 39.20 4.92
N ASP B 196 16.18 39.50 5.85
CA ASP B 196 16.54 40.10 7.13
C ASP B 196 16.66 39.01 8.19
N PRO B 197 17.86 38.64 8.63
CA PRO B 197 17.98 37.62 9.68
C PRO B 197 17.48 38.07 11.04
N THR B 198 17.13 39.35 11.21
CA THR B 198 16.55 39.84 12.46
C THR B 198 15.03 39.80 12.45
N SER B 199 14.41 39.34 11.35
CA SER B 199 12.95 39.26 11.24
C SER B 199 12.63 37.93 10.56
N VAL B 200 12.66 36.85 11.34
CA VAL B 200 12.41 35.50 10.84
C VAL B 200 11.14 34.99 11.51
N THR B 201 10.14 34.63 10.69
CA THR B 201 8.86 34.14 11.16
C THR B 201 8.72 32.67 10.75
N LEU B 202 8.69 31.78 11.72
CA LEU B 202 8.43 30.37 11.47
C LEU B 202 6.95 30.13 11.27
N PHE B 203 6.61 29.31 10.28
CA PHE B 203 5.24 28.84 10.14
C PHE B 203 5.24 27.41 9.62
N GLY B 204 4.30 26.62 10.12
CA GLY B 204 4.19 25.22 9.76
C GLY B 204 2.80 24.72 10.07
N GLU B 205 2.51 23.53 9.56
CA GLU B 205 1.18 22.93 9.69
C GLU B 205 1.31 21.53 10.25
N SER B 206 0.38 21.15 11.13
CA SER B 206 0.29 19.81 11.73
C SER B 206 1.59 19.52 12.46
N ALA B 207 2.36 18.50 12.05
CA ALA B 207 3.62 18.20 12.73
C ALA B 207 4.62 19.34 12.57
N GLY B 208 4.52 20.12 11.48
CA GLY B 208 5.35 21.29 11.36
C GLY B 208 4.97 22.36 12.38
N ALA B 209 3.67 22.50 12.65
CA ALA B 209 3.23 23.41 13.71
C ALA B 209 3.73 22.94 15.07
N ALA B 210 3.64 21.63 15.33
CA ALA B 210 4.21 21.09 16.56
C ALA B 210 5.71 21.32 16.60
N SER B 211 6.37 21.24 15.45
CA SER B 211 7.81 21.54 15.39
C SER B 211 8.07 23.00 15.75
N VAL B 212 7.29 23.91 15.16
CA VAL B 212 7.43 25.33 15.49
C VAL B 212 7.23 25.56 16.98
N GLY B 213 6.27 24.85 17.59
CA GLY B 213 6.05 25.00 19.01
C GLY B 213 7.22 24.50 19.85
N MET B 214 7.86 23.42 19.40
CA MET B 214 8.98 22.87 20.17
C MET B 214 10.21 23.75 20.06
N HIS B 215 10.36 24.49 18.96
CA HIS B 215 11.45 25.46 18.88
C HIS B 215 11.18 26.65 19.79
N LEU B 216 9.91 27.00 20.00
CA LEU B 216 9.56 28.00 21.00
C LEU B 216 10.04 27.59 22.38
N LEU B 217 9.94 26.29 22.70
CA LEU B 217 10.22 25.78 24.03
C LEU B 217 11.65 25.30 24.21
N SER B 218 12.48 25.37 23.17
CA SER B 218 13.88 24.97 23.26
C SER B 218 14.75 26.22 23.21
N PRO B 219 15.52 26.50 24.26
CA PRO B 219 16.32 27.74 24.29
C PRO B 219 17.29 27.85 23.12
N PRO B 220 18.02 26.80 22.75
CA PRO B 220 18.97 26.97 21.63
C PRO B 220 18.30 27.35 20.31
N SER B 221 17.03 27.01 20.12
CA SER B 221 16.31 27.37 18.91
C SER B 221 15.62 28.72 19.01
N ARG B 222 15.30 29.18 20.24
CA ARG B 222 14.50 30.39 20.41
C ARG B 222 15.20 31.62 19.86
N GLY B 223 16.53 31.65 19.92
CA GLY B 223 17.25 32.82 19.43
C GLY B 223 17.37 32.89 17.92
N LEU B 224 16.88 31.90 17.19
CA LEU B 224 17.04 31.83 15.74
C LEU B 224 15.82 32.37 15.00
N PHE B 225 14.79 32.81 15.70
CA PHE B 225 13.60 33.36 15.05
C PHE B 225 12.90 34.29 16.03
N HIS B 226 11.88 34.98 15.53
CA HIS B 226 11.22 36.04 16.29
C HIS B 226 9.70 35.95 16.32
N ARG B 227 9.07 35.26 15.36
CA ARG B 227 7.64 35.07 15.36
C ARG B 227 7.32 33.62 15.01
N ALA B 228 6.09 33.22 15.27
CA ALA B 228 5.68 31.83 15.06
C ALA B 228 4.24 31.78 14.58
N VAL B 229 3.98 30.86 13.65
CA VAL B 229 2.64 30.56 13.18
C VAL B 229 2.43 29.05 13.29
N LEU B 230 1.40 28.64 14.02
CA LEU B 230 1.10 27.23 14.25
C LEU B 230 -0.26 26.92 13.64
N GLN B 231 -0.26 26.22 12.51
CA GLN B 231 -1.48 25.89 11.79
C GLN B 231 -1.85 24.45 12.09
N SER B 232 -2.97 24.27 12.80
CA SER B 232 -3.56 22.93 13.04
C SER B 232 -2.57 21.98 13.70
N GLY B 233 -1.90 22.47 14.74
CA GLY B 233 -0.94 21.63 15.45
C GLY B 233 -0.35 22.39 16.63
N ALA B 234 0.18 21.61 17.57
CA ALA B 234 0.76 22.15 18.79
C ALA B 234 1.68 21.11 19.39
N PRO B 235 2.73 21.53 20.11
CA PRO B 235 3.65 20.56 20.70
C PRO B 235 3.05 19.79 21.87
N ASN B 236 1.98 20.29 22.49
CA ASN B 236 1.36 19.62 23.61
C ASN B 236 0.29 18.62 23.18
N GLY B 237 0.15 18.36 21.89
CA GLY B 237 -0.78 17.38 21.40
C GLY B 237 -0.45 15.99 21.90
N PRO B 238 -1.47 15.14 22.06
CA PRO B 238 -1.21 13.77 22.55
C PRO B 238 -0.45 12.91 21.57
N TRP B 239 -0.27 13.37 20.33
CA TRP B 239 0.45 12.64 19.29
C TRP B 239 1.84 13.19 19.03
N ALA B 240 2.14 14.39 19.52
CA ALA B 240 3.35 15.11 19.11
C ALA B 240 4.60 14.68 19.87
N THR B 241 4.46 14.11 21.06
CA THR B 241 5.61 13.67 21.84
C THR B 241 5.36 12.25 22.36
N VAL B 242 6.44 11.65 22.88
CA VAL B 242 6.38 10.30 23.43
C VAL B 242 7.38 10.23 24.58
N GLY B 243 7.13 9.32 25.52
CA GLY B 243 7.99 9.17 26.66
C GLY B 243 9.23 8.35 26.36
N MET B 244 10.22 8.46 27.26
CA MET B 244 11.47 7.73 27.08
C MET B 244 11.25 6.22 27.07
N GLY B 245 10.41 5.73 27.99
CA GLY B 245 10.17 4.30 28.05
C GLY B 245 9.46 3.77 26.81
N GLU B 246 8.47 4.52 26.31
CA GLU B 246 7.74 4.08 25.13
C GLU B 246 8.59 4.22 23.88
N ALA B 247 9.43 5.25 23.81
CA ALA B 247 10.32 5.41 22.67
C ALA B 247 11.33 4.27 22.61
N ARG B 248 11.83 3.83 23.75
CA ARG B 248 12.76 2.71 23.79
C ARG B 248 12.07 1.41 23.35
N ARG B 249 10.82 1.23 23.76
CA ARG B 249 10.10 0.02 23.36
C ARG B 249 9.86 -0.02 21.86
N ARG B 250 9.48 1.11 21.28
CA ARG B 250 9.22 1.15 19.84
C ARG B 250 10.51 0.95 19.04
N ALA B 251 11.62 1.52 19.50
CA ALA B 251 12.89 1.33 18.82
C ALA B 251 13.36 -0.11 18.93
N THR B 252 13.21 -0.73 20.11
CA THR B 252 13.58 -2.12 20.27
C THR B 252 12.68 -3.04 19.45
N GLN B 253 11.39 -2.71 19.37
CA GLN B 253 10.47 -3.51 18.56
C GLN B 253 10.81 -3.44 17.08
N LEU B 254 11.13 -2.24 16.57
CA LEU B 254 11.53 -2.11 15.18
C LEU B 254 12.77 -2.94 14.88
N ALA B 255 13.75 -2.90 15.79
CA ALA B 255 14.95 -3.71 15.61
C ALA B 255 14.61 -5.19 15.55
N HIS B 256 13.68 -5.64 16.40
CA HIS B 256 13.28 -7.04 16.39
C HIS B 256 12.65 -7.42 15.06
N LEU B 257 11.79 -6.54 14.51
CA LEU B 257 11.12 -6.84 13.26
C LEU B 257 12.07 -6.93 12.07
N VAL B 258 13.23 -6.29 12.15
CA VAL B 258 14.22 -6.34 11.08
C VAL B 258 15.39 -7.25 11.42
N GLY B 259 15.23 -8.09 12.45
CA GLY B 259 16.27 -9.05 12.78
C GLY B 259 17.37 -8.55 13.67
N CYS B 260 17.14 -7.48 14.42
CA CYS B 260 18.17 -6.94 15.33
C CYS B 260 17.76 -7.11 16.78
N PRO B 261 18.64 -7.70 17.60
CA PRO B 261 19.94 -8.24 17.19
C PRO B 261 19.81 -9.68 16.69
N PRO B 262 20.84 -10.19 16.00
CA PRO B 262 20.82 -11.59 15.58
C PRO B 262 20.71 -12.52 16.78
N GLY B 263 20.08 -13.67 16.57
CA GLY B 263 19.87 -14.63 17.63
C GLY B 263 21.15 -15.14 18.26
N GLY B 264 21.34 -14.85 19.54
CA GLY B 264 22.52 -15.28 20.27
C GLY B 264 23.45 -14.16 20.68
N THR B 265 23.21 -12.94 20.23
CA THR B 265 24.05 -11.80 20.57
C THR B 265 23.31 -10.89 21.52
N GLY B 266 24.09 -10.08 22.26
CA GLY B 266 23.53 -9.18 23.24
C GLY B 266 22.67 -8.10 22.61
N GLY B 267 22.07 -7.29 23.46
CA GLY B 267 21.12 -6.29 23.00
C GLY B 267 21.25 -4.93 23.65
N ASN B 268 22.46 -4.49 23.96
CA ASN B 268 22.63 -3.13 24.45
C ASN B 268 22.46 -2.13 23.31
N ASP B 269 22.42 -0.84 23.66
CA ASP B 269 22.09 0.19 22.69
C ASP B 269 23.12 0.29 21.59
N THR B 270 24.40 0.04 21.90
CA THR B 270 25.45 0.16 20.89
C THR B 270 25.28 -0.88 19.80
N GLU B 271 25.10 -2.15 20.18
CA GLU B 271 24.93 -3.21 19.20
C GLU B 271 23.61 -3.10 18.46
N LEU B 272 22.56 -2.61 19.13
CA LEU B 272 21.25 -2.52 18.51
C LEU B 272 21.25 -1.50 17.37
N VAL B 273 21.81 -0.31 17.63
CA VAL B 273 21.88 0.72 16.59
C VAL B 273 22.84 0.30 15.49
N ALA B 274 23.95 -0.36 15.86
CA ALA B 274 24.89 -0.84 14.86
C ALA B 274 24.23 -1.82 13.90
N CYS B 275 23.38 -2.70 14.43
CA CYS B 275 22.64 -3.62 13.57
C CYS B 275 21.61 -2.87 12.73
N LEU B 276 20.98 -1.83 13.31
CA LEU B 276 20.01 -1.04 12.57
C LEU B 276 20.66 -0.28 11.42
N ARG B 277 21.92 0.15 11.62
CA ARG B 277 22.58 0.94 10.58
C ARG B 277 23.00 0.12 9.37
N THR B 278 23.05 -1.21 9.50
CA THR B 278 23.36 -2.07 8.36
C THR B 278 22.15 -2.40 7.51
N ARG B 279 20.94 -2.10 8.00
CA ARG B 279 19.73 -2.43 7.26
C ARG B 279 19.47 -1.41 6.16
N PRO B 280 19.00 -1.84 5.00
CA PRO B 280 18.56 -0.89 3.97
C PRO B 280 17.44 -0.01 4.51
N ALA B 281 17.44 1.25 4.06
CA ALA B 281 16.49 2.23 4.59
C ALA B 281 15.05 1.79 4.36
N GLN B 282 14.77 1.18 3.20
CA GLN B 282 13.41 0.77 2.90
C GLN B 282 12.93 -0.32 3.85
N VAL B 283 13.84 -1.18 4.33
CA VAL B 283 13.45 -2.24 5.25
C VAL B 283 12.93 -1.65 6.56
N LEU B 284 13.56 -0.57 7.03
CA LEU B 284 13.06 0.09 8.23
C LEU B 284 11.69 0.71 7.99
N VAL B 285 11.50 1.33 6.82
CA VAL B 285 10.22 1.96 6.50
C VAL B 285 9.09 0.92 6.48
N ASN B 286 9.40 -0.29 6.00
CA ASN B 286 8.37 -1.30 5.80
C ASN B 286 7.78 -1.84 7.10
N HIS B 287 8.41 -1.57 8.25
CA HIS B 287 7.92 -2.06 9.53
C HIS B 287 7.61 -0.94 10.50
N GLU B 288 7.48 0.30 10.00
CA GLU B 288 7.32 1.45 10.89
C GLU B 288 6.00 1.41 11.63
N TRP B 289 4.91 1.11 10.93
CA TRP B 289 3.58 1.17 11.54
C TRP B 289 3.31 0.00 12.48
N HIS B 290 4.09 -1.07 12.38
CA HIS B 290 3.84 -2.27 13.18
C HIS B 290 4.43 -2.17 14.59
N VAL B 291 4.87 -0.99 15.00
CA VAL B 291 5.36 -0.79 16.36
C VAL B 291 4.40 0.03 17.21
N LEU B 292 3.33 0.55 16.64
CA LEU B 292 2.33 1.26 17.44
C LEU B 292 1.65 0.29 18.40
N PRO B 293 1.31 0.74 19.62
CA PRO B 293 0.83 -0.19 20.63
C PRO B 293 -0.59 -0.71 20.41
N GLN B 294 -1.43 -0.02 19.65
CA GLN B 294 -2.78 -0.52 19.42
C GLN B 294 -3.40 0.21 18.23
N GLU B 295 -4.42 -0.41 17.66
CA GLU B 295 -5.28 0.16 16.63
C GLU B 295 -5.70 1.58 17.03
N SER B 296 -5.44 2.54 16.15
CA SER B 296 -5.66 3.93 16.49
C SER B 296 -5.65 4.77 15.21
N VAL B 297 -6.08 6.02 15.36
CA VAL B 297 -5.91 7.05 14.35
C VAL B 297 -5.20 8.22 15.01
N PHE B 298 -4.51 9.01 14.19
CA PHE B 298 -3.80 10.20 14.65
C PHE B 298 -2.71 9.84 15.67
N ARG B 299 -2.06 8.70 15.46
CA ARG B 299 -0.91 8.27 16.26
C ARG B 299 0.19 7.82 15.32
N PHE B 300 1.42 8.17 15.66
CA PHE B 300 2.57 7.94 14.80
C PHE B 300 3.70 7.32 15.60
N SER B 301 4.50 6.48 14.93
CA SER B 301 5.43 5.61 15.63
C SER B 301 6.60 6.39 16.23
N PHE B 302 7.27 7.20 15.42
CA PHE B 302 8.50 7.87 15.85
C PHE B 302 8.27 9.38 15.83
N VAL B 303 8.15 9.97 17.01
CA VAL B 303 7.85 11.39 17.17
C VAL B 303 8.87 11.95 18.16
N PRO B 304 8.94 13.28 18.35
CA PRO B 304 9.88 13.84 19.33
C PRO B 304 9.72 13.19 20.71
N VAL B 305 10.84 12.96 21.37
CA VAL B 305 10.88 12.29 22.67
C VAL B 305 11.23 13.31 23.73
N VAL B 306 10.61 13.16 24.91
CA VAL B 306 10.89 14.02 26.05
C VAL B 306 11.98 13.34 26.86
N ASP B 307 13.23 13.75 26.64
CA ASP B 307 14.39 13.12 27.27
C ASP B 307 15.22 14.08 28.11
N GLY B 308 14.85 15.35 28.19
CA GLY B 308 15.62 16.31 28.95
C GLY B 308 16.68 17.06 28.17
N ASP B 309 16.88 16.73 26.89
CA ASP B 309 17.90 17.40 26.08
C ASP B 309 17.26 18.52 25.26
N PHE B 310 16.70 18.17 24.10
CA PHE B 310 16.03 19.18 23.28
C PHE B 310 14.86 19.81 24.03
N LEU B 311 14.11 18.99 24.77
CA LEU B 311 13.03 19.46 25.62
C LEU B 311 13.40 19.11 27.06
N SER B 312 13.76 20.12 27.85
CA SER B 312 14.15 19.87 29.24
C SER B 312 13.03 19.28 30.06
N ASP B 313 11.77 19.47 29.64
CA ASP B 313 10.62 18.88 30.29
C ASP B 313 9.55 18.66 29.22
N THR B 314 8.41 18.12 29.65
CA THR B 314 7.30 17.92 28.73
C THR B 314 6.85 19.27 28.17
N PRO B 315 6.32 19.29 26.93
CA PRO B 315 5.83 20.56 26.38
C PRO B 315 4.78 21.23 27.25
N GLU B 316 3.92 20.45 27.91
CA GLU B 316 2.91 21.03 28.78
C GLU B 316 3.55 21.79 29.93
N ALA B 317 4.59 21.22 30.55
CA ALA B 317 5.25 21.88 31.66
C ALA B 317 5.98 23.14 31.20
N LEU B 318 6.69 23.06 30.08
CA LEU B 318 7.42 24.23 29.57
C LEU B 318 6.48 25.33 29.13
N ILE B 319 5.28 24.99 28.65
CA ILE B 319 4.31 26.00 28.25
C ILE B 319 3.78 26.73 29.48
N ASN B 320 3.50 26.00 30.56
CA ASN B 320 2.94 26.62 31.75
C ASN B 320 3.94 27.54 32.43
N ALA B 321 5.20 27.12 32.52
CA ALA B 321 6.24 27.86 33.24
C ALA B 321 7.03 28.79 32.34
N GLY B 322 6.53 29.09 31.14
CA GLY B 322 7.28 29.87 30.17
C GLY B 322 6.91 31.34 30.22
N ASP B 323 7.92 32.19 29.99
CA ASP B 323 7.74 33.62 29.85
C ASP B 323 7.85 33.96 28.36
N PHE B 324 6.77 34.49 27.80
CA PHE B 324 6.68 34.70 26.35
C PHE B 324 6.55 36.19 26.00
N HIS B 325 7.09 37.07 26.84
CA HIS B 325 7.07 38.48 26.54
C HIS B 325 7.98 38.78 25.35
N GLY B 326 7.50 39.65 24.45
CA GLY B 326 8.23 39.99 23.25
C GLY B 326 8.01 39.06 22.08
N LEU B 327 7.03 38.16 22.17
CA LEU B 327 6.76 37.19 21.12
C LEU B 327 5.35 37.39 20.58
N GLN B 328 5.22 37.28 19.25
CA GLN B 328 3.92 37.32 18.58
C GLN B 328 3.67 35.96 17.94
N VAL B 329 2.47 35.42 18.16
CA VAL B 329 2.11 34.10 17.67
C VAL B 329 0.80 34.18 16.91
N LEU B 330 0.72 33.50 15.78
CA LEU B 330 -0.51 33.31 15.03
C LEU B 330 -0.85 31.82 15.06
N VAL B 331 -2.04 31.49 15.58
CA VAL B 331 -2.47 30.11 15.68
C VAL B 331 -3.84 29.97 15.03
N GLY B 332 -4.20 28.75 14.67
CA GLY B 332 -5.49 28.51 14.07
C GLY B 332 -5.68 27.05 13.74
N VAL B 333 -6.91 26.73 13.32
CA VAL B 333 -7.31 25.38 12.98
C VAL B 333 -8.25 25.45 11.78
N VAL B 334 -8.51 24.30 11.17
CA VAL B 334 -9.50 24.21 10.11
C VAL B 334 -10.82 23.79 10.73
N LYS B 335 -11.90 23.87 9.95
CA LYS B 335 -13.23 23.68 10.52
C LYS B 335 -13.48 22.23 10.90
N ASP B 336 -12.89 21.27 10.18
CA ASP B 336 -13.13 19.84 10.39
C ASP B 336 -11.77 19.14 10.54
N GLU B 337 -11.16 19.30 11.73
CA GLU B 337 -9.81 18.79 11.94
C GLU B 337 -9.76 17.26 11.93
N GLY B 338 -10.85 16.60 12.32
CA GLY B 338 -10.79 15.16 12.56
C GLY B 338 -11.29 14.26 11.45
N SER B 339 -12.03 14.83 10.49
CA SER B 339 -12.69 14.00 9.48
C SER B 339 -11.70 13.24 8.62
N TYR B 340 -10.52 13.82 8.36
CA TYR B 340 -9.52 13.18 7.52
C TYR B 340 -9.08 11.84 8.09
N PHE B 341 -8.88 11.77 9.40
CA PHE B 341 -8.26 10.62 10.03
C PHE B 341 -9.23 9.46 10.27
N LEU B 342 -10.53 9.67 10.05
CA LEU B 342 -11.50 8.63 10.34
C LEU B 342 -11.48 7.50 9.32
N VAL B 343 -11.13 7.79 8.05
CA VAL B 343 -11.04 6.74 7.05
C VAL B 343 -9.77 5.92 7.17
N TYR B 344 -8.95 6.17 8.20
CA TYR B 344 -7.71 5.43 8.42
C TYR B 344 -7.81 4.50 9.63
N GLY B 345 -9.00 4.00 9.94
CA GLY B 345 -9.13 3.05 11.02
C GLY B 345 -10.47 3.01 11.74
N ALA B 346 -11.21 4.11 11.70
CA ALA B 346 -12.49 4.14 12.41
C ALA B 346 -13.49 3.23 11.72
N PRO B 347 -14.21 2.38 12.46
CA PRO B 347 -15.12 1.43 11.82
C PRO B 347 -16.28 2.13 11.13
N GLY B 348 -16.64 1.61 9.95
CA GLY B 348 -17.78 2.11 9.20
C GLY B 348 -17.50 3.31 8.31
N PHE B 349 -16.28 3.82 8.31
CA PHE B 349 -15.94 5.01 7.54
C PHE B 349 -15.30 4.63 6.21
N SER B 350 -15.66 5.37 5.16
CA SER B 350 -15.12 5.18 3.82
C SER B 350 -15.25 6.50 3.08
N LYS B 351 -14.19 6.86 2.33
CA LYS B 351 -14.25 8.09 1.57
C LYS B 351 -15.19 8.00 0.37
N ASP B 352 -15.61 6.80 -0.01
CA ASP B 352 -16.41 6.59 -1.20
C ASP B 352 -17.89 6.36 -0.89
N ASN B 353 -18.32 6.52 0.36
CA ASN B 353 -19.73 6.56 0.70
C ASN B 353 -19.94 7.70 1.70
N GLU B 354 -21.13 7.72 2.32
CA GLU B 354 -21.51 8.80 3.21
C GLU B 354 -21.06 8.58 4.65
N SER B 355 -20.53 7.39 4.97
CA SER B 355 -20.01 7.09 6.30
C SER B 355 -21.05 7.35 7.39
N LEU B 356 -22.30 6.96 7.10
CA LEU B 356 -23.39 7.08 8.06
C LEU B 356 -23.27 5.92 9.05
N ILE B 357 -22.44 6.11 10.07
CA ILE B 357 -22.11 5.03 10.98
C ILE B 357 -23.26 4.78 11.95
N SER B 358 -23.25 3.60 12.56
CA SER B 358 -24.23 3.23 13.57
C SER B 358 -23.74 3.63 14.96
N ARG B 359 -24.62 3.46 15.94
CA ARG B 359 -24.25 3.75 17.33
C ARG B 359 -23.13 2.83 17.78
N ALA B 360 -23.19 1.56 17.42
CA ALA B 360 -22.13 0.62 17.80
C ALA B 360 -20.80 0.99 17.17
N GLU B 361 -20.82 1.42 15.91
CA GLU B 361 -19.58 1.85 15.25
C GLU B 361 -19.04 3.12 15.89
N PHE B 362 -19.92 4.02 16.32
CA PHE B 362 -19.47 5.22 17.01
C PHE B 362 -18.80 4.88 18.34
N LEU B 363 -19.40 3.97 19.12
CA LEU B 363 -18.80 3.57 20.39
C LEU B 363 -17.44 2.92 20.18
N ALA B 364 -17.31 2.06 19.16
CA ALA B 364 -16.03 1.45 18.86
C ALA B 364 -15.04 2.47 18.31
N GLY B 365 -15.53 3.46 17.56
CA GLY B 365 -14.64 4.47 17.01
C GLY B 365 -14.02 5.37 18.07
N VAL B 366 -14.73 5.58 19.18
CA VAL B 366 -14.19 6.40 20.27
C VAL B 366 -12.93 5.76 20.84
N ARG B 367 -12.92 4.42 20.93
CA ARG B 367 -11.73 3.74 21.43
C ARG B 367 -10.57 3.83 20.45
N VAL B 368 -10.87 3.92 19.16
CA VAL B 368 -9.81 4.10 18.16
C VAL B 368 -9.34 5.56 18.15
N GLY B 369 -10.27 6.50 18.26
CA GLY B 369 -9.90 7.91 18.25
C GLY B 369 -9.26 8.38 19.54
N VAL B 370 -9.54 7.70 20.64
CA VAL B 370 -8.94 8.03 21.93
C VAL B 370 -8.29 6.77 22.50
N PRO B 371 -7.08 6.41 22.05
CA PRO B 371 -6.49 5.15 22.50
C PRO B 371 -5.94 5.24 23.92
N GLN B 372 -5.99 4.09 24.60
CA GLN B 372 -5.52 3.92 25.98
C GLN B 372 -6.11 4.97 26.92
N VAL B 373 -7.44 4.93 27.04
CA VAL B 373 -8.15 5.57 28.13
C VAL B 373 -8.99 4.49 28.81
N SER B 374 -9.20 4.65 30.10
CA SER B 374 -10.04 3.72 30.84
C SER B 374 -11.44 3.67 30.23
N ASP B 375 -12.14 2.57 30.49
CA ASP B 375 -13.52 2.46 30.04
C ASP B 375 -14.37 3.58 30.60
N LEU B 376 -14.04 4.07 31.80
CA LEU B 376 -14.75 5.20 32.36
C LEU B 376 -14.46 6.49 31.60
N ALA B 377 -13.21 6.66 31.16
CA ALA B 377 -12.85 7.86 30.40
C ALA B 377 -13.53 7.87 29.04
N ALA B 378 -13.56 6.72 28.36
CA ALA B 378 -14.30 6.61 27.11
C ALA B 378 -15.79 6.91 27.31
N GLU B 379 -16.33 6.55 28.47
CA GLU B 379 -17.73 6.87 28.77
C GLU B 379 -17.92 8.38 28.87
N ALA B 380 -16.99 9.08 29.51
CA ALA B 380 -17.09 10.53 29.60
C ALA B 380 -17.04 11.17 28.23
N VAL B 381 -16.25 10.60 27.31
CA VAL B 381 -16.21 11.11 25.94
C VAL B 381 -17.55 10.91 25.26
N VAL B 382 -18.14 9.72 25.40
CA VAL B 382 -19.43 9.44 24.79
C VAL B 382 -20.50 10.37 25.34
N LEU B 383 -20.43 10.67 26.64
CA LEU B 383 -21.41 11.56 27.25
C LEU B 383 -21.36 12.95 26.63
N HIS B 384 -20.15 13.51 26.51
N HIS B 384 -20.15 13.51 26.51
CA HIS B 384 -20.03 14.88 26.02
CA HIS B 384 -20.02 14.88 26.02
C HIS B 384 -20.35 14.99 24.54
C HIS B 384 -20.33 15.00 24.53
N TYR B 385 -20.07 13.95 23.75
CA TYR B 385 -20.20 14.01 22.30
C TYR B 385 -21.42 13.27 21.77
N THR B 386 -22.38 12.94 22.62
CA THR B 386 -23.64 12.37 22.17
C THR B 386 -24.73 13.43 22.26
N ASP B 387 -25.48 13.60 21.17
CA ASP B 387 -26.72 14.37 21.21
C ASP B 387 -27.79 13.44 21.76
N TRP B 388 -28.10 13.58 23.05
CA TRP B 388 -28.99 12.63 23.70
C TRP B 388 -30.44 12.80 23.27
N LEU B 389 -30.75 13.81 22.47
CA LEU B 389 -32.04 13.88 21.81
C LEU B 389 -32.07 13.08 20.50
N HIS B 390 -30.90 12.86 19.90
CA HIS B 390 -30.77 12.04 18.70
C HIS B 390 -29.56 11.14 18.83
N PRO B 391 -29.58 10.21 19.79
CA PRO B 391 -28.37 9.43 20.10
C PRO B 391 -28.00 8.40 19.05
N GLU B 392 -28.87 8.15 18.06
CA GLU B 392 -28.60 7.11 17.06
C GLU B 392 -28.62 7.65 15.64
N ASP B 393 -28.74 8.97 15.46
CA ASP B 393 -28.74 9.55 14.13
C ASP B 393 -27.36 9.39 13.50
N PRO B 394 -27.24 8.66 12.39
CA PRO B 394 -25.90 8.39 11.83
C PRO B 394 -25.12 9.64 11.45
N ALA B 395 -25.79 10.63 10.85
CA ALA B 395 -25.09 11.83 10.43
C ALA B 395 -24.50 12.59 11.62
N ARG B 396 -25.25 12.66 12.73
CA ARG B 396 -24.74 13.34 13.91
C ARG B 396 -23.61 12.54 14.55
N LEU B 397 -23.70 11.21 14.53
CA LEU B 397 -22.62 10.39 15.07
C LEU B 397 -21.35 10.52 14.25
N ARG B 398 -21.49 10.63 12.91
CA ARG B 398 -20.34 10.84 12.05
C ARG B 398 -19.64 12.16 12.37
N GLU B 399 -20.42 13.23 12.51
CA GLU B 399 -19.84 14.52 12.88
C GLU B 399 -19.29 14.52 14.29
N ALA B 400 -19.91 13.74 15.20
CA ALA B 400 -19.46 13.72 16.58
C ALA B 400 -18.09 13.04 16.71
N LEU B 401 -17.90 11.90 16.04
CA LEU B 401 -16.60 11.23 16.08
C LEU B 401 -15.53 12.08 15.41
N SER B 402 -15.89 12.82 14.36
CA SER B 402 -14.94 13.77 13.77
C SER B 402 -14.54 14.83 14.78
N ASP B 403 -15.50 15.33 15.57
CA ASP B 403 -15.19 16.31 16.59
C ASP B 403 -14.35 15.70 17.70
N VAL B 404 -14.60 14.44 18.05
CA VAL B 404 -13.82 13.77 19.07
C VAL B 404 -12.34 13.77 18.69
N VAL B 405 -12.03 13.31 17.48
CA VAL B 405 -10.64 13.20 17.04
C VAL B 405 -10.04 14.59 16.84
N GLY B 406 -10.81 15.52 16.29
CA GLY B 406 -10.29 16.85 16.03
C GLY B 406 -10.01 17.64 17.30
N ASP B 407 -10.96 17.62 18.25
CA ASP B 407 -10.76 18.35 19.49
C ASP B 407 -9.63 17.74 20.31
N HIS B 408 -9.61 16.41 20.41
CA HIS B 408 -8.62 15.73 21.25
C HIS B 408 -7.20 15.97 20.74
N ASN B 409 -7.01 15.94 19.43
CA ASN B 409 -5.68 15.99 18.84
C ASN B 409 -5.22 17.38 18.42
N VAL B 410 -6.14 18.26 18.03
CA VAL B 410 -5.72 19.53 17.43
C VAL B 410 -6.32 20.73 18.16
N VAL B 411 -7.66 20.83 18.15
CA VAL B 411 -8.31 22.08 18.55
C VAL B 411 -8.01 22.43 20.00
N CYS B 412 -8.16 21.46 20.89
CA CYS B 412 -7.99 21.75 22.31
C CYS B 412 -6.52 21.86 22.73
N PRO B 413 -5.60 21.06 22.16
CA PRO B 413 -4.18 21.38 22.38
C PRO B 413 -3.78 22.77 21.89
N VAL B 414 -4.35 23.22 20.77
CA VAL B 414 -4.03 24.55 20.27
C VAL B 414 -4.65 25.62 21.17
N ALA B 415 -5.90 25.43 21.58
CA ALA B 415 -6.55 26.40 22.45
C ALA B 415 -5.84 26.49 23.80
N GLN B 416 -5.41 25.35 24.34
CA GLN B 416 -4.63 25.36 25.57
C GLN B 416 -3.35 26.15 25.41
N LEU B 417 -2.65 25.95 24.29
CA LEU B 417 -1.41 26.68 24.06
C LEU B 417 -1.66 28.17 23.87
N ALA B 418 -2.68 28.52 23.08
CA ALA B 418 -2.96 29.92 22.80
C ALA B 418 -3.30 30.71 24.06
N GLY B 419 -4.05 30.07 24.98
CA GLY B 419 -4.39 30.75 26.22
C GLY B 419 -3.18 30.98 27.11
N ARG B 420 -2.34 29.95 27.27
CA ARG B 420 -1.16 30.09 28.11
C ARG B 420 -0.18 31.10 27.53
N LEU B 421 -0.07 31.14 26.20
CA LEU B 421 0.83 32.10 25.56
C LEU B 421 0.38 33.54 25.80
N ALA B 422 -0.90 33.82 25.54
CA ALA B 422 -1.40 35.19 25.68
C ALA B 422 -1.37 35.65 27.13
N ALA B 423 -1.69 34.74 28.07
CA ALA B 423 -1.73 35.10 29.48
C ALA B 423 -0.35 35.19 30.10
N GLN B 424 0.72 34.88 29.36
CA GLN B 424 2.07 34.87 29.93
C GLN B 424 3.04 35.72 29.10
N GLY B 425 2.52 36.72 28.39
CA GLY B 425 3.34 37.74 27.76
C GLY B 425 3.26 37.82 26.25
N ALA B 426 2.83 36.75 25.58
CA ALA B 426 2.83 36.75 24.13
C ALA B 426 1.58 37.42 23.57
N ARG B 427 1.76 38.07 22.41
CA ARG B 427 0.64 38.56 21.62
C ARG B 427 0.20 37.44 20.69
N VAL B 428 -1.08 37.08 20.76
CA VAL B 428 -1.60 35.91 20.07
C VAL B 428 -2.78 36.33 19.19
N TYR B 429 -2.80 35.82 17.96
CA TYR B 429 -3.95 35.94 17.07
C TYR B 429 -4.42 34.55 16.68
N ALA B 430 -5.73 34.35 16.68
CA ALA B 430 -6.32 33.05 16.42
C ALA B 430 -7.31 33.12 15.26
N TYR B 431 -7.41 32.02 14.53
CA TYR B 431 -8.32 31.93 13.39
C TYR B 431 -8.94 30.54 13.32
N VAL B 432 -10.03 30.45 12.55
CA VAL B 432 -10.62 29.18 12.17
C VAL B 432 -10.89 29.24 10.68
N PHE B 433 -10.27 28.33 9.92
CA PHE B 433 -10.38 28.31 8.46
C PHE B 433 -11.63 27.53 8.08
N GLU B 434 -12.58 28.20 7.40
CA GLU B 434 -13.90 27.64 7.16
C GLU B 434 -14.28 27.58 5.69
N HIS B 435 -13.34 27.75 4.77
CA HIS B 435 -13.63 27.66 3.33
C HIS B 435 -13.18 26.30 2.80
N ARG B 436 -14.10 25.59 2.17
CA ARG B 436 -13.80 24.34 1.50
C ARG B 436 -13.47 24.64 0.04
N ALA B 437 -12.28 24.19 -0.40
CA ALA B 437 -11.85 24.46 -1.77
C ALA B 437 -12.83 23.87 -2.76
N SER B 438 -13.10 24.63 -3.83
CA SER B 438 -14.01 24.16 -4.87
C SER B 438 -13.46 22.95 -5.62
N THR B 439 -12.15 22.74 -5.56
CA THR B 439 -11.49 21.63 -6.26
C THR B 439 -11.18 20.46 -5.34
N LEU B 440 -11.68 20.48 -4.11
CA LEU B 440 -11.34 19.46 -3.13
C LEU B 440 -11.87 18.10 -3.55
N SER B 441 -11.00 17.09 -3.54
CA SER B 441 -11.36 15.76 -4.02
C SER B 441 -11.90 14.85 -2.94
N TRP B 442 -11.70 15.20 -1.66
CA TRP B 442 -12.28 14.42 -0.58
C TRP B 442 -13.80 14.59 -0.57
N PRO B 443 -14.52 13.64 0.02
CA PRO B 443 -15.99 13.71 -0.01
C PRO B 443 -16.53 14.93 0.72
N LEU B 444 -17.79 15.26 0.42
CA LEU B 444 -18.40 16.46 0.98
C LEU B 444 -18.53 16.37 2.49
N TRP B 445 -18.82 15.18 3.01
CA TRP B 445 -19.07 15.04 4.45
C TRP B 445 -17.84 15.34 5.29
N MET B 446 -16.64 15.38 4.70
CA MET B 446 -15.45 15.73 5.44
C MET B 446 -15.31 17.22 5.68
N GLY B 447 -16.11 18.05 5.00
CA GLY B 447 -16.08 19.48 5.27
C GLY B 447 -14.77 20.11 4.83
N VAL B 448 -14.13 20.82 5.76
CA VAL B 448 -12.82 21.43 5.53
C VAL B 448 -11.78 20.58 6.26
N PRO B 449 -11.18 19.60 5.59
CA PRO B 449 -10.34 18.63 6.30
C PRO B 449 -9.00 19.21 6.72
N HIS B 450 -8.33 18.44 7.56
CA HIS B 450 -7.01 18.78 8.08
C HIS B 450 -6.02 18.98 6.92
N GLY B 451 -5.43 20.17 6.85
CA GLY B 451 -4.36 20.44 5.91
C GLY B 451 -4.76 21.19 4.65
N TYR B 452 -6.04 21.51 4.48
CA TYR B 452 -6.52 22.10 3.23
C TYR B 452 -6.76 23.60 3.33
N GLU B 453 -6.04 24.26 4.23
CA GLU B 453 -5.85 25.70 4.18
C GLU B 453 -4.50 26.08 3.60
N ILE B 454 -3.58 25.10 3.49
CA ILE B 454 -2.21 25.38 3.04
C ILE B 454 -2.20 25.93 1.63
N GLU B 455 -3.00 25.33 0.73
CA GLU B 455 -3.00 25.76 -0.66
C GLU B 455 -3.44 27.21 -0.82
N PHE B 456 -4.24 27.72 0.13
CA PHE B 456 -4.64 29.12 0.07
C PHE B 456 -3.61 30.04 0.70
N ILE B 457 -2.88 29.55 1.71
CA ILE B 457 -1.82 30.35 2.31
C ILE B 457 -0.69 30.56 1.31
N PHE B 458 -0.39 29.55 0.50
CA PHE B 458 0.69 29.63 -0.47
C PHE B 458 0.25 30.19 -1.81
N GLY B 459 -0.99 30.67 -1.93
CA GLY B 459 -1.45 31.28 -3.16
C GLY B 459 -1.60 30.33 -4.33
N ILE B 460 -1.80 29.04 -4.07
CA ILE B 460 -1.95 28.07 -5.16
C ILE B 460 -3.09 28.43 -6.11
N PRO B 461 -4.25 28.99 -5.66
CA PRO B 461 -5.29 29.37 -6.62
C PRO B 461 -4.82 30.29 -7.73
N LEU B 462 -3.71 30.99 -7.54
CA LEU B 462 -3.19 31.88 -8.57
C LEU B 462 -2.60 31.11 -9.76
N ASP B 463 -2.28 29.83 -9.58
CA ASP B 463 -1.70 29.04 -10.65
C ASP B 463 -2.65 28.98 -11.84
N PRO B 464 -2.23 29.43 -13.03
CA PRO B 464 -3.15 29.46 -14.17
C PRO B 464 -3.61 28.08 -14.61
N SER B 465 -2.84 27.04 -14.34
CA SER B 465 -3.18 25.69 -14.77
C SER B 465 -4.19 25.01 -13.86
N ARG B 466 -4.70 25.70 -12.84
CA ARG B 466 -5.68 25.15 -11.92
C ARG B 466 -7.05 25.77 -12.17
N ASN B 467 -8.08 25.12 -11.64
CA ASN B 467 -9.47 25.51 -11.89
C ASN B 467 -10.12 26.10 -10.64
N TYR B 468 -9.41 26.98 -9.94
CA TYR B 468 -10.01 27.70 -8.83
C TYR B 468 -10.91 28.81 -9.35
N THR B 469 -11.86 29.22 -8.51
CA THR B 469 -12.77 30.30 -8.89
C THR B 469 -12.09 31.65 -8.71
N ALA B 470 -12.69 32.67 -9.32
CA ALA B 470 -12.14 34.02 -9.22
C ALA B 470 -12.17 34.52 -7.78
N GLU B 471 -13.20 34.13 -7.02
CA GLU B 471 -13.30 34.57 -5.64
C GLU B 471 -12.24 33.90 -4.77
N GLU B 472 -11.91 32.64 -5.07
CA GLU B 472 -10.88 31.95 -4.31
C GLU B 472 -9.51 32.55 -4.55
N LYS B 473 -9.29 33.16 -5.72
CA LYS B 473 -8.03 33.85 -5.97
C LYS B 473 -7.91 35.10 -5.10
N ILE B 474 -8.97 35.89 -5.00
CA ILE B 474 -8.97 37.07 -4.14
C ILE B 474 -8.84 36.65 -2.67
N PHE B 475 -9.52 35.55 -2.31
CA PHE B 475 -9.41 35.03 -0.95
C PHE B 475 -7.98 34.62 -0.62
N ALA B 476 -7.30 33.97 -1.57
CA ALA B 476 -5.92 33.59 -1.36
C ALA B 476 -5.02 34.81 -1.18
N GLN B 477 -5.30 35.88 -1.94
CA GLN B 477 -4.50 37.10 -1.81
C GLN B 477 -4.75 37.77 -0.45
N ARG B 478 -5.97 37.70 0.06
CA ARG B 478 -6.24 38.17 1.41
C ARG B 478 -5.39 37.43 2.44
N LEU B 479 -5.37 36.10 2.36
CA LEU B 479 -4.65 35.29 3.34
C LEU B 479 -3.15 35.53 3.27
N MET B 480 -2.59 35.60 2.06
CA MET B 480 -1.17 35.89 1.92
C MET B 480 -0.82 37.24 2.51
N ARG B 481 -1.73 38.21 2.39
CA ARG B 481 -1.51 39.51 3.01
C ARG B 481 -1.51 39.40 4.53
N TYR B 482 -2.45 38.62 5.09
CA TYR B 482 -2.48 38.39 6.53
C TYR B 482 -1.17 37.80 7.02
N TRP B 483 -0.72 36.73 6.38
CA TRP B 483 0.50 36.05 6.82
C TRP B 483 1.72 36.95 6.66
N ALA B 484 1.81 37.69 5.55
CA ALA B 484 2.96 38.56 5.33
C ALA B 484 2.95 39.74 6.30
N ASN B 485 1.77 40.34 6.53
CA ASN B 485 1.68 41.41 7.52
C ASN B 485 2.14 40.93 8.88
N PHE B 486 1.75 39.73 9.28
CA PHE B 486 2.22 39.18 10.54
C PHE B 486 3.73 38.97 10.53
N ALA B 487 4.28 38.56 9.39
CA ALA B 487 5.72 38.37 9.30
C ALA B 487 6.46 39.70 9.38
N ARG B 488 5.90 40.75 8.77
CA ARG B 488 6.56 42.05 8.77
C ARG B 488 6.44 42.74 10.13
N THR B 489 5.22 42.87 10.66
CA THR B 489 4.97 43.70 11.82
C THR B 489 4.52 42.94 13.06
N GLY B 490 4.33 41.62 12.97
CA GLY B 490 3.76 40.88 14.07
C GLY B 490 2.28 41.08 14.27
N ASP B 491 1.59 41.65 13.28
CA ASP B 491 0.18 41.98 13.35
C ASP B 491 -0.45 41.71 11.99
N PRO B 492 -1.40 40.78 11.88
CA PRO B 492 -2.00 40.48 10.56
C PRO B 492 -2.82 41.62 10.00
N ASN B 493 -3.27 42.56 10.83
CA ASN B 493 -4.03 43.70 10.34
C ASN B 493 -3.14 44.62 9.52
N GLU B 494 -3.74 45.28 8.54
CA GLU B 494 -2.99 46.17 7.66
C GLU B 494 -2.68 47.47 8.38
N PRO B 495 -1.40 47.85 8.49
CA PRO B 495 -1.06 49.06 9.27
C PRO B 495 -1.65 50.35 8.71
N ARG B 496 -1.72 50.50 7.40
CA ARG B 496 -2.28 51.70 6.77
C ARG B 496 -3.79 51.61 6.60
N ASP B 497 -4.53 51.13 7.59
CA ASP B 497 -5.87 50.64 7.28
C ASP B 497 -6.79 50.55 8.49
N PRO B 498 -7.90 51.29 8.51
CA PRO B 498 -9.01 50.92 9.39
C PRO B 498 -10.28 50.57 8.64
N LYS B 499 -10.22 50.53 7.29
CA LYS B 499 -11.42 50.31 6.51
C LYS B 499 -11.83 48.84 6.47
N ALA B 500 -10.87 47.92 6.48
CA ALA B 500 -11.18 46.50 6.51
C ALA B 500 -11.50 46.08 7.95
N PRO B 501 -12.27 45.00 8.12
CA PRO B 501 -12.56 44.51 9.47
C PRO B 501 -11.29 44.12 10.19
N GLN B 502 -11.20 44.50 11.46
CA GLN B 502 -9.99 44.29 12.24
C GLN B 502 -9.97 42.90 12.87
N TRP B 503 -8.77 42.37 13.05
CA TRP B 503 -8.52 41.07 13.64
C TRP B 503 -8.03 41.28 15.07
N PRO B 504 -8.87 41.07 16.08
CA PRO B 504 -8.46 41.37 17.46
C PRO B 504 -7.54 40.29 18.00
N PRO B 505 -6.62 40.65 18.89
CA PRO B 505 -5.74 39.64 19.51
C PRO B 505 -6.54 38.65 20.34
N TYR B 506 -5.94 37.48 20.55
CA TYR B 506 -6.54 36.42 21.35
C TYR B 506 -6.07 36.55 22.79
N THR B 507 -7.00 36.56 23.73
CA THR B 507 -6.70 36.66 25.14
C THR B 507 -7.33 35.50 25.89
N ALA B 508 -6.72 35.15 27.03
CA ALA B 508 -7.23 34.04 27.83
C ALA B 508 -8.60 34.33 28.41
N GLY B 509 -9.03 35.59 28.42
CA GLY B 509 -10.34 35.94 28.94
C GLY B 509 -11.40 36.05 27.87
N ALA B 510 -11.17 36.92 26.88
CA ALA B 510 -12.15 37.11 25.81
C ALA B 510 -12.12 35.98 24.79
N GLN B 511 -10.95 35.41 24.52
CA GLN B 511 -10.79 34.27 23.62
C GLN B 511 -11.37 34.57 22.24
N GLN B 512 -11.00 35.73 21.70
CA GLN B 512 -11.50 36.17 20.41
C GLN B 512 -10.68 35.56 19.27
N TYR B 513 -11.37 35.21 18.19
CA TYR B 513 -10.74 34.71 16.98
C TYR B 513 -11.58 35.13 15.80
N VAL B 514 -11.05 34.92 14.59
CA VAL B 514 -11.74 35.30 13.37
C VAL B 514 -11.95 34.07 12.50
N SER B 515 -13.00 34.12 11.69
CA SER B 515 -13.29 33.08 10.71
C SER B 515 -12.73 33.50 9.36
N LEU B 516 -11.97 32.61 8.73
CA LEU B 516 -11.36 32.86 7.44
C LEU B 516 -12.16 32.13 6.37
N ASP B 517 -12.87 32.88 5.54
CA ASP B 517 -13.60 32.33 4.41
C ASP B 517 -13.82 33.45 3.39
N LEU B 518 -14.69 33.19 2.41
CA LEU B 518 -14.94 34.18 1.37
C LEU B 518 -15.62 35.44 1.91
N ARG B 519 -16.32 35.34 3.04
CA ARG B 519 -16.92 36.50 3.67
C ARG B 519 -15.86 37.35 4.35
N PRO B 520 -16.15 38.63 4.60
CA PRO B 520 -15.24 39.45 5.40
C PRO B 520 -15.04 38.85 6.78
N LEU B 521 -14.00 39.33 7.47
CA LEU B 521 -13.65 38.81 8.78
C LEU B 521 -14.83 38.94 9.75
N GLU B 522 -15.07 37.88 10.51
CA GLU B 522 -16.10 37.85 11.54
C GLU B 522 -15.46 37.42 12.84
N VAL B 523 -15.70 38.19 13.91
CA VAL B 523 -15.09 37.93 15.21
C VAL B 523 -16.01 37.00 16.01
N ARG B 524 -15.42 35.94 16.55
CA ARG B 524 -16.13 35.00 17.41
C ARG B 524 -15.32 34.83 18.69
N ARG B 525 -15.94 34.17 19.66
CA ARG B 525 -15.34 33.99 20.98
CA ARG B 525 -15.36 33.99 20.99
C ARG B 525 -15.45 32.54 21.40
N GLY B 526 -14.33 31.97 21.83
CA GLY B 526 -14.31 30.60 22.30
C GLY B 526 -13.87 29.58 21.26
N LEU B 527 -12.68 29.00 21.44
CA LEU B 527 -12.16 27.94 20.58
C LEU B 527 -12.71 26.60 21.08
N ARG B 528 -14.02 26.42 20.89
CA ARG B 528 -14.74 25.27 21.43
C ARG B 528 -14.50 25.14 22.93
N ALA B 529 -14.88 26.21 23.64
CA ALA B 529 -14.52 26.34 25.05
C ALA B 529 -15.13 25.22 25.89
N GLN B 530 -16.38 24.84 25.59
CA GLN B 530 -17.04 23.81 26.39
C GLN B 530 -16.37 22.45 26.18
N ALA B 531 -16.12 22.08 24.91
CA ALA B 531 -15.50 20.79 24.63
C ALA B 531 -14.07 20.73 25.14
N CYS B 532 -13.32 21.82 25.01
CA CYS B 532 -11.93 21.82 25.43
C CYS B 532 -11.77 21.89 26.94
N ALA B 533 -12.78 22.35 27.67
CA ALA B 533 -12.74 22.24 29.12
C ALA B 533 -12.80 20.78 29.55
N PHE B 534 -13.47 19.93 28.77
CA PHE B 534 -13.51 18.51 29.07
C PHE B 534 -12.12 17.88 28.88
N TRP B 535 -11.46 18.20 27.76
CA TRP B 535 -10.18 17.59 27.46
C TRP B 535 -9.07 18.16 28.34
N ASN B 536 -9.07 19.48 28.54
CA ASN B 536 -7.95 20.13 29.21
C ASN B 536 -8.09 20.18 30.73
N ARG B 537 -9.32 20.17 31.25
CA ARG B 537 -9.54 20.32 32.69
C ARG B 537 -10.02 19.04 33.35
N PHE B 538 -11.12 18.45 32.89
CA PHE B 538 -11.74 17.36 33.62
C PHE B 538 -11.06 16.02 33.35
N LEU B 539 -10.83 15.70 32.07
CA LEU B 539 -10.32 14.37 31.74
C LEU B 539 -9.00 14.03 32.42
N PRO B 540 -8.02 14.94 32.55
CA PRO B 540 -6.82 14.58 33.33
C PRO B 540 -7.12 14.18 34.76
N LYS B 541 -8.06 14.86 35.42
CA LYS B 541 -8.44 14.47 36.78
C LYS B 541 -9.14 13.12 36.79
N LEU B 542 -9.91 12.80 35.75
CA LEU B 542 -10.60 11.51 35.69
C LEU B 542 -9.60 10.36 35.62
N LEU B 543 -8.49 10.56 34.92
CA LEU B 543 -7.48 9.51 34.80
C LEU B 543 -6.57 9.44 36.02
N SER B 544 -6.44 10.53 36.78
CA SER B 544 -5.65 10.49 38.00
C SER B 544 -6.27 9.55 39.03
N ALA B 545 -7.59 9.63 39.21
CA ALA B 545 -8.32 8.72 40.07
C ALA B 545 -8.60 7.38 39.40
N THR B 546 -8.01 7.15 38.21
CA THR B 546 -8.23 5.94 37.41
C THR B 546 -9.72 5.57 37.31
#